data_9PE9
#
_entry.id   9PE9
#
_cell.length_a   67.63
_cell.length_b   109.25
_cell.length_c   67.65
_cell.angle_alpha   90
_cell.angle_beta   100.99
_cell.angle_gamma   90
#
_symmetry.space_group_name_H-M   'P 1 21 1'
#
loop_
_entity.id
_entity.type
_entity.pdbx_description
1 polymer 'Glycogen synthase kinase-3 beta'
2 non-polymer (3R,4R)-4-({(4M)-5-fluoro-4-[4-fluoro-2-methyl-1-(propan-2-yl)-1H-1,3-benzimidazol-6-yl]pyrimidin-2-yl}amino)-1-(methanesulfonyl)piperidin-3-ol
3 water water
#
_entity_poly.entity_id   1
_entity_poly.type   'polypeptide(L)'
_entity_poly.pdbx_seq_one_letter_code
;RGSRDKDGSKVTTVVATPGQGPDRPQEVSYTDTKVIGNGSFGVVYQAKLCDSGELVAIKKVLQDKRFKNRELQIMRKLDH
CNIVRLRYFFYSSGEKKDEVYLNLVLDYVPETVYRVARHYSRAKQTLPVIYVKLYMYQLFRSLAYIHSFGICHRDIKPQN
LLLDPDTAVLKLCDFGSAKQLVRGEPNVS(PTR)ICSRYYRAPELIFGATDYTSSIDVWSAGCVLAELLLGQPIFPGDSG
VDQLVEIIKVLGTPTREQIREMNPNYTEFKFPQIKAHPWTKVFRPRTPPEAIALCSRLLEYTPTARLTPLEACAHSFFDE
LRDPNVKLPNGRDTPALFNFTTQELSSNPPLATILIPPHARIQ
;
_entity_poly.pdbx_strand_id   A,B
#
# COMPACT_ATOMS: atom_id res chain seq x y z
N LYS A 10 2.43 -27.69 22.01
CA LYS A 10 1.32 -28.01 21.11
C LYS A 10 1.80 -28.36 19.69
N VAL A 11 1.65 -29.64 19.30
CA VAL A 11 2.07 -30.10 17.97
C VAL A 11 0.88 -30.27 17.03
N THR A 12 1.00 -29.71 15.82
CA THR A 12 -0.01 -29.83 14.78
C THR A 12 0.48 -30.86 13.74
N THR A 13 -0.35 -31.83 13.39
CA THR A 13 0.02 -32.84 12.39
C THR A 13 -0.93 -32.71 11.22
N VAL A 14 -0.38 -32.59 10.04
CA VAL A 14 -1.16 -32.43 8.82
C VAL A 14 -0.72 -33.44 7.77
N VAL A 15 -1.52 -33.64 6.73
CA VAL A 15 -1.14 -34.52 5.63
C VAL A 15 -0.77 -33.61 4.47
N ALA A 16 0.54 -33.50 4.25
CA ALA A 16 1.11 -32.57 3.28
C ALA A 16 1.74 -33.23 2.05
N THR A 17 1.54 -32.62 0.89
CA THR A 17 2.13 -33.09 -0.36
C THR A 17 3.43 -32.34 -0.59
N PRO A 18 4.54 -33.04 -0.89
CA PRO A 18 5.80 -32.33 -1.15
C PRO A 18 5.66 -31.38 -2.34
N GLY A 19 6.30 -30.23 -2.26
CA GLY A 19 6.22 -29.20 -3.28
C GLY A 19 6.82 -29.62 -4.62
N PRO A 22 5.52 -35.67 -7.95
CA PRO A 22 5.16 -36.91 -7.26
C PRO A 22 4.12 -36.59 -6.18
N ASP A 23 2.84 -36.46 -6.58
CA ASP A 23 1.74 -36.06 -5.69
C ASP A 23 1.33 -37.12 -4.65
N ARG A 24 2.23 -37.42 -3.70
CA ARG A 24 1.94 -38.40 -2.66
C ARG A 24 2.14 -37.82 -1.26
N PRO A 25 1.02 -37.51 -0.59
CA PRO A 25 1.11 -36.90 0.73
C PRO A 25 1.75 -37.71 1.83
N GLN A 26 2.28 -37.00 2.81
CA GLN A 26 2.90 -37.61 3.98
C GLN A 26 2.50 -36.81 5.22
N GLU A 27 2.56 -37.43 6.39
CA GLU A 27 2.26 -36.77 7.64
C GLU A 27 3.43 -35.86 7.98
N VAL A 28 3.14 -34.59 8.29
CA VAL A 28 4.13 -33.59 8.66
C VAL A 28 3.68 -32.96 9.97
N SER A 29 4.55 -32.95 10.99
CA SER A 29 4.23 -32.37 12.29
C SER A 29 5.03 -31.09 12.53
N TYR A 30 4.40 -30.08 13.10
CA TYR A 30 5.09 -28.81 13.40
C TYR A 30 4.63 -28.21 14.73
N THR A 31 5.44 -27.32 15.28
CA THR A 31 5.14 -26.65 16.55
C THR A 31 5.69 -25.19 16.55
N ASP A 32 5.54 -24.44 17.67
CA ASP A 32 6.07 -23.09 17.87
C ASP A 32 5.60 -22.13 16.78
N THR A 33 4.30 -22.13 16.51
CA THR A 33 3.76 -21.28 15.44
C THR A 33 3.55 -19.86 15.93
N LYS A 34 3.93 -18.91 15.09
CA LYS A 34 3.76 -17.50 15.41
C LYS A 34 3.50 -16.70 14.16
N VAL A 35 2.63 -15.69 14.24
CA VAL A 35 2.32 -14.86 13.09
C VAL A 35 3.52 -13.97 12.76
N ILE A 36 3.97 -13.99 11.50
CA ILE A 36 5.11 -13.20 11.05
C ILE A 36 4.77 -12.26 9.88
N GLY A 37 3.62 -12.46 9.24
CA GLY A 37 3.20 -11.69 8.07
C GLY A 37 1.70 -11.72 7.87
N ASN A 38 1.21 -10.83 7.01
CA ASN A 38 -0.19 -10.54 6.75
C ASN A 38 -0.46 -10.13 5.31
N GLY A 39 -1.73 -10.10 4.92
CA GLY A 39 -2.14 -9.59 3.62
C GLY A 39 -3.59 -9.83 3.33
N SER A 40 -4.06 -9.41 2.15
CA SER A 40 -5.43 -9.69 1.75
C SER A 40 -5.62 -11.21 1.49
N PHE A 41 -4.52 -11.94 1.17
CA PHE A 41 -4.52 -13.39 0.96
C PHE A 41 -4.79 -14.17 2.25
N GLY A 42 -4.34 -13.62 3.39
CA GLY A 42 -4.44 -14.31 4.66
C GLY A 42 -3.27 -13.97 5.56
N VAL A 43 -2.65 -15.01 6.16
CA VAL A 43 -1.58 -14.84 7.16
C VAL A 43 -0.33 -15.70 6.82
N VAL A 44 0.85 -15.27 7.28
CA VAL A 44 2.11 -16.00 7.14
C VAL A 44 2.60 -16.27 8.55
N TYR A 45 2.89 -17.53 8.86
CA TYR A 45 3.37 -17.96 10.18
C TYR A 45 4.79 -18.44 10.08
N GLN A 46 5.48 -18.50 11.21
CA GLN A 46 6.74 -19.19 11.32
C GLN A 46 6.41 -20.44 12.17
N ALA A 47 7.01 -21.58 11.85
CA ALA A 47 6.80 -22.81 12.63
C ALA A 47 8.09 -23.65 12.62
N LYS A 48 8.18 -24.65 13.49
CA LYS A 48 9.34 -25.52 13.57
C LYS A 48 8.91 -26.97 13.25
N LEU A 49 9.54 -27.61 12.26
CA LEU A 49 9.21 -28.98 11.91
C LEU A 49 9.69 -29.89 13.04
N CYS A 50 8.87 -30.86 13.44
CA CYS A 50 9.17 -31.72 14.57
C CYS A 50 10.36 -32.65 14.39
N ASP A 51 10.50 -33.29 13.22
CA ASP A 51 11.60 -34.23 13.01
C ASP A 51 12.97 -33.54 12.99
N SER A 52 13.17 -32.63 12.04
CA SER A 52 14.43 -31.93 11.83
C SER A 52 14.68 -30.70 12.70
N GLY A 53 13.64 -30.11 13.26
CA GLY A 53 13.79 -28.87 14.02
C GLY A 53 13.99 -27.65 13.11
N GLU A 54 13.89 -27.84 11.79
CA GLU A 54 14.06 -26.78 10.80
C GLU A 54 12.92 -25.79 10.86
N LEU A 55 13.23 -24.51 10.70
CA LEU A 55 12.22 -23.47 10.71
C LEU A 55 11.61 -23.33 9.34
N VAL A 56 10.30 -23.12 9.33
CA VAL A 56 9.56 -22.92 8.09
C VAL A 56 8.67 -21.68 8.19
N ALA A 57 8.31 -21.13 7.04
CA ALA A 57 7.31 -20.10 6.89
C ALA A 57 6.08 -20.83 6.34
N ILE A 58 4.90 -20.60 6.92
CA ILE A 58 3.68 -21.22 6.43
C ILE A 58 2.74 -20.12 5.98
N LYS A 59 2.46 -20.04 4.69
CA LYS A 59 1.57 -19.03 4.14
C LYS A 59 0.17 -19.64 3.95
N LYS A 60 -0.77 -19.16 4.76
CA LYS A 60 -2.16 -19.63 4.79
C LYS A 60 -3.05 -18.71 3.96
N VAL A 61 -3.57 -19.23 2.85
CA VAL A 61 -4.36 -18.49 1.90
C VAL A 61 -5.79 -19.03 1.83
N LEU A 62 -6.81 -18.15 1.91
CA LEU A 62 -8.21 -18.57 1.79
C LEU A 62 -8.40 -19.00 0.33
N GLN A 63 -8.78 -20.25 0.10
CA GLN A 63 -8.85 -20.80 -1.24
C GLN A 63 -10.25 -21.28 -1.61
N ASP A 64 -10.73 -20.87 -2.79
CA ASP A 64 -12.04 -21.30 -3.29
C ASP A 64 -11.85 -22.71 -3.89
N LYS A 65 -12.69 -23.67 -3.48
CA LYS A 65 -12.60 -25.03 -4.00
C LYS A 65 -12.90 -25.13 -5.53
N ARG A 66 -13.51 -24.07 -6.11
CA ARG A 66 -13.83 -23.97 -7.52
C ARG A 66 -12.78 -23.10 -8.23
N PHE A 67 -11.69 -23.75 -8.72
CA PHE A 67 -10.54 -23.22 -9.47
C PHE A 67 -9.20 -23.37 -8.73
N LYS A 68 -8.13 -23.60 -9.50
CA LYS A 68 -6.78 -23.79 -9.01
C LYS A 68 -6.14 -22.51 -8.45
N ASN A 69 -5.15 -22.67 -7.59
CA ASN A 69 -4.44 -21.54 -7.03
C ASN A 69 -3.24 -21.28 -7.92
N ARG A 70 -3.15 -20.09 -8.47
CA ARG A 70 -2.07 -19.69 -9.37
C ARG A 70 -0.69 -19.73 -8.69
N GLU A 71 -0.60 -19.19 -7.46
CA GLU A 71 0.67 -19.20 -6.71
C GLU A 71 1.20 -20.62 -6.53
N LEU A 72 0.33 -21.55 -6.13
CA LEU A 72 0.70 -22.94 -5.95
C LEU A 72 1.20 -23.58 -7.26
N GLN A 73 0.51 -23.36 -8.38
CA GLN A 73 0.92 -23.95 -9.65
C GLN A 73 2.28 -23.44 -10.11
N ILE A 74 2.58 -22.15 -9.85
CA ILE A 74 3.87 -21.56 -10.17
C ILE A 74 4.95 -22.12 -9.24
N MET A 75 4.68 -22.20 -7.92
CA MET A 75 5.66 -22.71 -6.95
C MET A 75 6.05 -24.17 -7.19
N ARG A 76 5.12 -24.98 -7.71
CA ARG A 76 5.40 -26.40 -7.99
C ARG A 76 6.41 -26.60 -9.13
N LYS A 77 6.57 -25.61 -10.01
CA LYS A 77 7.51 -25.72 -11.13
C LYS A 77 8.90 -25.15 -10.82
N LEU A 78 9.10 -24.46 -9.69
CA LEU A 78 10.37 -23.79 -9.44
C LEU A 78 11.36 -24.57 -8.57
N ASP A 79 12.61 -24.65 -9.05
CA ASP A 79 13.67 -25.33 -8.34
C ASP A 79 14.95 -24.57 -8.67
N HIS A 80 15.28 -23.59 -7.85
CA HIS A 80 16.42 -22.72 -8.10
C HIS A 80 17.00 -22.22 -6.77
N CYS A 81 18.33 -22.10 -6.72
CA CYS A 81 19.10 -21.70 -5.54
C CYS A 81 18.74 -20.29 -5.01
N ASN A 82 18.24 -19.42 -5.89
CA ASN A 82 17.90 -18.04 -5.55
C ASN A 82 16.40 -17.77 -5.48
N ILE A 83 15.61 -18.81 -5.23
CA ILE A 83 14.18 -18.73 -5.05
C ILE A 83 13.82 -19.60 -3.88
N VAL A 84 13.02 -19.11 -2.93
CA VAL A 84 12.62 -19.91 -1.77
C VAL A 84 11.89 -21.20 -2.23
N ARG A 85 12.28 -22.34 -1.65
CA ARG A 85 11.73 -23.63 -2.05
C ARG A 85 10.41 -23.96 -1.33
N LEU A 86 9.42 -24.40 -2.10
CA LEU A 86 8.18 -24.87 -1.54
C LEU A 86 8.45 -26.32 -1.06
N ARG A 87 8.57 -26.51 0.25
CA ARG A 87 8.83 -27.82 0.84
C ARG A 87 7.58 -28.69 0.73
N TYR A 88 6.41 -28.15 1.16
CA TYR A 88 5.13 -28.87 1.18
C TYR A 88 3.94 -27.91 0.97
N PHE A 89 2.77 -28.49 0.72
CA PHE A 89 1.51 -27.78 0.73
C PHE A 89 0.45 -28.68 1.34
N PHE A 90 -0.51 -28.08 2.04
CA PHE A 90 -1.58 -28.83 2.70
C PHE A 90 -2.84 -27.99 2.82
N TYR A 91 -3.97 -28.64 3.11
CA TYR A 91 -5.23 -27.92 3.27
C TYR A 91 -5.72 -27.97 4.71
N SER A 92 -6.45 -26.93 5.15
CA SER A 92 -6.97 -26.87 6.51
C SER A 92 -8.40 -26.26 6.58
N SER A 93 -9.08 -26.44 7.73
CA SER A 93 -10.45 -26.01 8.05
C SER A 93 -11.51 -26.74 7.23
N GLU A 99 -15.10 -23.85 4.17
CA GLU A 99 -14.00 -22.90 4.30
C GLU A 99 -12.68 -23.65 4.19
N VAL A 100 -12.05 -23.67 3.00
CA VAL A 100 -10.79 -24.38 2.82
C VAL A 100 -9.62 -23.40 2.66
N TYR A 101 -8.51 -23.67 3.34
CA TYR A 101 -7.33 -22.84 3.23
C TYR A 101 -6.20 -23.66 2.62
N LEU A 102 -5.47 -23.08 1.69
CA LEU A 102 -4.27 -23.64 1.12
C LEU A 102 -3.12 -23.14 2.01
N ASN A 103 -2.20 -24.02 2.35
CA ASN A 103 -1.07 -23.67 3.18
C ASN A 103 0.19 -24.05 2.47
N LEU A 104 1.06 -23.07 2.18
CA LEU A 104 2.34 -23.28 1.53
C LEU A 104 3.40 -23.31 2.64
N VAL A 105 4.27 -24.34 2.66
CA VAL A 105 5.31 -24.50 3.69
C VAL A 105 6.65 -24.29 3.00
N LEU A 106 7.37 -23.23 3.38
CA LEU A 106 8.63 -22.87 2.74
C LEU A 106 9.77 -22.83 3.73
N ASP A 107 11.02 -23.03 3.30
CA ASP A 107 12.16 -22.94 4.25
C ASP A 107 12.25 -21.49 4.74
N TYR A 108 12.41 -21.29 6.04
CA TYR A 108 12.44 -19.95 6.60
C TYR A 108 13.80 -19.28 6.37
N VAL A 109 13.78 -18.00 5.93
CA VAL A 109 14.99 -17.19 5.73
C VAL A 109 14.81 -15.97 6.64
N PRO A 110 15.74 -15.73 7.59
CA PRO A 110 15.49 -14.69 8.59
C PRO A 110 15.65 -13.23 8.21
N GLU A 111 16.49 -12.88 7.22
CA GLU A 111 16.74 -11.47 6.89
C GLU A 111 16.23 -11.08 5.53
N THR A 112 16.17 -9.76 5.23
CA THR A 112 15.75 -9.28 3.92
C THR A 112 16.64 -8.12 3.50
N VAL A 113 16.69 -7.86 2.20
CA VAL A 113 17.37 -6.70 1.60
C VAL A 113 16.77 -5.41 2.19
N TYR A 114 15.42 -5.40 2.46
CA TYR A 114 14.75 -4.26 3.07
C TYR A 114 15.31 -3.93 4.47
N ARG A 115 15.36 -4.93 5.36
CA ARG A 115 15.87 -4.74 6.71
C ARG A 115 17.35 -4.35 6.72
N VAL A 116 18.15 -4.95 5.82
CA VAL A 116 19.57 -4.62 5.72
C VAL A 116 19.74 -3.15 5.27
N ALA A 117 19.02 -2.74 4.22
CA ALA A 117 19.08 -1.39 3.69
C ALA A 117 18.64 -0.35 4.73
N ARG A 118 17.59 -0.66 5.48
CA ARG A 118 17.04 0.21 6.50
C ARG A 118 18.08 0.41 7.61
N HIS A 119 18.78 -0.68 8.02
CA HIS A 119 19.83 -0.56 9.03
C HIS A 119 20.92 0.43 8.60
N TYR A 120 21.36 0.35 7.34
CA TYR A 120 22.39 1.27 6.83
C TYR A 120 21.89 2.69 6.76
N SER A 121 20.66 2.86 6.27
CA SER A 121 20.02 4.16 6.12
C SER A 121 19.87 4.90 7.45
N ARG A 122 19.46 4.19 8.52
CA ARG A 122 19.31 4.78 9.85
CA ARG A 122 19.30 4.81 9.83
C ARG A 122 20.64 5.18 10.47
N ALA A 123 21.73 4.47 10.11
CA ALA A 123 23.07 4.77 10.61
C ALA A 123 23.80 5.78 9.72
N LYS A 124 23.12 6.37 8.70
CA LYS A 124 23.67 7.32 7.74
C LYS A 124 24.84 6.76 6.94
N GLN A 125 24.77 5.47 6.62
CA GLN A 125 25.82 4.81 5.86
C GLN A 125 25.26 4.11 4.63
N THR A 126 26.15 3.77 3.68
CA THR A 126 25.73 3.06 2.49
C THR A 126 26.20 1.63 2.56
N LEU A 127 25.41 0.73 1.99
CA LEU A 127 25.73 -0.68 1.98
C LEU A 127 26.98 -0.90 1.10
N PRO A 128 28.04 -1.57 1.62
CA PRO A 128 29.25 -1.81 0.80
C PRO A 128 28.91 -2.37 -0.58
N VAL A 129 29.58 -1.87 -1.61
CA VAL A 129 29.30 -2.20 -3.01
C VAL A 129 29.43 -3.71 -3.28
N ILE A 130 30.24 -4.45 -2.49
CA ILE A 130 30.35 -5.90 -2.66
C ILE A 130 28.99 -6.57 -2.41
N TYR A 131 28.21 -6.05 -1.44
CA TYR A 131 26.91 -6.59 -1.11
C TYR A 131 25.90 -6.22 -2.17
N VAL A 132 25.95 -4.99 -2.69
CA VAL A 132 25.09 -4.54 -3.79
C VAL A 132 25.29 -5.44 -5.00
N LYS A 133 26.56 -5.80 -5.30
CA LYS A 133 26.89 -6.72 -6.40
C LYS A 133 26.34 -8.12 -6.13
N LEU A 134 26.59 -8.70 -4.93
CA LEU A 134 26.10 -10.03 -4.62
C LEU A 134 24.58 -10.14 -4.64
N TYR A 135 23.86 -9.16 -4.07
CA TYR A 135 22.40 -9.21 -4.01
C TYR A 135 21.75 -9.03 -5.38
N MET A 136 22.20 -8.04 -6.15
CA MET A 136 21.67 -7.77 -7.47
C MET A 136 21.92 -8.89 -8.43
N TYR A 137 23.13 -9.47 -8.40
CA TYR A 137 23.48 -10.58 -9.28
C TYR A 137 22.59 -11.79 -9.02
N GLN A 138 22.38 -12.16 -7.75
CA GLN A 138 21.49 -13.29 -7.40
C GLN A 138 20.03 -12.99 -7.76
N LEU A 139 19.59 -11.73 -7.66
CA LEU A 139 18.22 -11.36 -8.05
C LEU A 139 18.09 -11.53 -9.57
N PHE A 140 19.10 -11.08 -10.34
CA PHE A 140 19.06 -11.23 -11.79
C PHE A 140 19.06 -12.71 -12.20
N ARG A 141 19.81 -13.58 -11.49
CA ARG A 141 19.79 -15.02 -11.76
C ARG A 141 18.38 -15.60 -11.53
N SER A 142 17.75 -15.27 -10.39
CA SER A 142 16.39 -15.75 -10.12
C SER A 142 15.40 -15.28 -11.19
N LEU A 143 15.55 -14.04 -11.71
CA LEU A 143 14.69 -13.48 -12.74
C LEU A 143 14.94 -14.12 -14.11
N ALA A 144 16.21 -14.40 -14.45
CA ALA A 144 16.55 -15.09 -15.72
C ALA A 144 15.92 -16.49 -15.69
N TYR A 145 15.99 -17.17 -14.54
CA TYR A 145 15.33 -18.46 -14.35
C TYR A 145 13.79 -18.37 -14.53
N ILE A 146 13.06 -17.54 -13.74
CA ILE A 146 11.61 -17.49 -13.86
C ILE A 146 11.18 -16.98 -15.22
N HIS A 147 11.90 -16.00 -15.79
CA HIS A 147 11.54 -15.45 -17.10
C HIS A 147 11.71 -16.52 -18.20
N SER A 148 12.65 -17.48 -18.05
CA SER A 148 12.84 -18.59 -19.00
C SER A 148 11.59 -19.49 -19.10
N PHE A 149 10.66 -19.42 -18.12
CA PHE A 149 9.38 -20.15 -18.14
C PHE A 149 8.20 -19.27 -18.54
N GLY A 150 8.41 -18.02 -18.89
CA GLY A 150 7.33 -17.08 -19.17
C GLY A 150 6.66 -16.52 -17.92
N ILE A 151 7.24 -16.78 -16.73
CA ILE A 151 6.68 -16.32 -15.47
C ILE A 151 7.25 -14.96 -15.05
N CYS A 152 6.35 -14.03 -14.76
CA CYS A 152 6.69 -12.69 -14.32
C CYS A 152 6.31 -12.61 -12.85
N HIS A 153 7.23 -12.17 -11.98
CA HIS A 153 7.00 -12.08 -10.55
C HIS A 153 5.99 -11.01 -10.19
N ARG A 154 6.14 -9.82 -10.78
CA ARG A 154 5.25 -8.67 -10.62
C ARG A 154 5.23 -8.08 -9.21
N ASP A 155 6.23 -8.37 -8.35
CA ASP A 155 6.29 -7.72 -7.03
C ASP A 155 7.71 -7.73 -6.52
N ILE A 156 8.66 -7.39 -7.41
CA ILE A 156 10.05 -7.33 -7.05
C ILE A 156 10.21 -6.08 -6.19
N LYS A 157 10.57 -6.26 -4.94
CA LYS A 157 10.76 -5.19 -3.95
C LYS A 157 11.70 -5.74 -2.83
N PRO A 158 12.42 -4.89 -2.08
CA PRO A 158 13.40 -5.39 -1.10
C PRO A 158 12.82 -6.31 -0.03
N GLN A 159 11.54 -6.13 0.30
CA GLN A 159 10.84 -6.98 1.27
C GLN A 159 10.67 -8.43 0.78
N ASN A 160 10.73 -8.64 -0.55
CA ASN A 160 10.62 -10.01 -1.09
C ASN A 160 11.95 -10.66 -1.45
N LEU A 161 13.05 -10.05 -1.02
CA LEU A 161 14.37 -10.55 -1.29
C LEU A 161 14.93 -11.02 0.03
N LEU A 162 14.83 -12.32 0.30
CA LEU A 162 15.29 -12.88 1.58
C LEU A 162 16.79 -13.12 1.55
N LEU A 163 17.46 -12.97 2.69
CA LEU A 163 18.91 -13.11 2.77
C LEU A 163 19.33 -13.99 3.90
N ASP A 164 20.36 -14.83 3.67
CA ASP A 164 20.98 -15.59 4.74
C ASP A 164 22.13 -14.71 5.23
N PRO A 165 22.10 -14.29 6.51
CA PRO A 165 23.14 -13.39 7.03
C PRO A 165 24.59 -13.88 6.94
N ASP A 166 24.84 -15.18 7.16
CA ASP A 166 26.20 -15.69 7.14
C ASP A 166 26.75 -16.04 5.77
N THR A 167 25.88 -16.42 4.83
CA THR A 167 26.33 -16.87 3.52
C THR A 167 26.10 -15.87 2.39
N ALA A 168 25.31 -14.81 2.63
CA ALA A 168 24.95 -13.80 1.64
C ALA A 168 24.16 -14.37 0.45
N VAL A 169 23.51 -15.54 0.63
CA VAL A 169 22.65 -16.14 -0.35
C VAL A 169 21.31 -15.35 -0.32
N LEU A 170 20.80 -14.96 -1.49
CA LEU A 170 19.55 -14.25 -1.65
C LEU A 170 18.53 -15.19 -2.23
N LYS A 171 17.30 -15.15 -1.71
CA LYS A 171 16.21 -15.95 -2.24
C LYS A 171 14.98 -15.10 -2.48
N LEU A 172 14.43 -15.18 -3.68
CA LEU A 172 13.21 -14.46 -4.04
C LEU A 172 12.01 -15.19 -3.41
N CYS A 173 11.10 -14.42 -2.78
CA CYS A 173 9.90 -15.00 -2.20
C CYS A 173 8.64 -14.27 -2.69
N ASP A 174 7.46 -14.71 -2.21
CA ASP A 174 6.16 -14.15 -2.51
C ASP A 174 5.81 -14.17 -3.97
N PHE A 175 5.30 -15.30 -4.42
CA PHE A 175 4.83 -15.43 -5.79
C PHE A 175 3.29 -15.23 -5.88
N GLY A 176 2.73 -14.47 -4.95
CA GLY A 176 1.29 -14.19 -4.87
C GLY A 176 0.75 -13.23 -5.91
N SER A 177 1.66 -12.45 -6.53
CA SER A 177 1.33 -11.55 -7.62
C SER A 177 1.86 -12.11 -8.96
N ALA A 178 2.62 -13.22 -8.97
CA ALA A 178 3.24 -13.79 -10.15
C ALA A 178 2.23 -14.37 -11.14
N LYS A 179 2.61 -14.41 -12.41
CA LYS A 179 1.74 -14.90 -13.45
C LYS A 179 2.54 -15.33 -14.69
N GLN A 180 2.12 -16.43 -15.31
CA GLN A 180 2.70 -16.86 -16.58
C GLN A 180 2.04 -15.92 -17.61
N LEU A 181 2.86 -15.10 -18.28
CA LEU A 181 2.32 -14.16 -19.24
C LEU A 181 2.13 -14.86 -20.59
N VAL A 182 0.93 -14.78 -21.14
CA VAL A 182 0.61 -15.38 -22.42
C VAL A 182 0.20 -14.29 -23.39
N ARG A 183 0.91 -14.18 -24.53
CA ARG A 183 0.58 -13.16 -25.51
C ARG A 183 -0.86 -13.27 -26.02
N GLY A 184 -1.56 -12.14 -26.05
CA GLY A 184 -2.96 -12.11 -26.43
C GLY A 184 -3.93 -12.16 -25.27
N GLU A 185 -3.43 -12.43 -24.05
CA GLU A 185 -4.26 -12.47 -22.85
C GLU A 185 -3.90 -11.28 -21.97
N PRO A 186 -4.82 -10.34 -21.78
CA PRO A 186 -4.47 -9.11 -21.04
C PRO A 186 -4.13 -9.34 -19.58
N ASN A 187 -3.33 -8.43 -19.01
CA ASN A 187 -2.92 -8.51 -17.61
C ASN A 187 -3.26 -7.22 -16.87
N VAL A 188 -3.50 -7.29 -15.56
CA VAL A 188 -3.84 -6.13 -14.73
C VAL A 188 -2.67 -5.12 -14.68
N SER A 189 -2.97 -3.83 -14.81
CA SER A 189 -1.92 -2.81 -14.77
C SER A 189 -1.60 -2.26 -13.37
N ILE A 191 -0.45 -3.16 -10.47
CA ILE A 191 0.28 -4.30 -9.94
C ILE A 191 1.69 -3.82 -9.54
N CYS A 192 2.42 -4.63 -8.75
CA CYS A 192 3.75 -4.28 -8.25
CA CYS A 192 3.73 -4.33 -8.21
C CYS A 192 3.63 -3.29 -7.12
N SER A 193 4.59 -3.28 -6.21
CA SER A 193 4.65 -2.31 -5.12
C SER A 193 5.00 -0.96 -5.80
N ARG A 194 4.24 0.09 -5.48
CA ARG A 194 4.30 1.42 -6.09
C ARG A 194 5.69 1.97 -6.44
N TYR A 195 6.63 2.09 -5.47
CA TYR A 195 7.96 2.64 -5.75
C TYR A 195 8.74 1.87 -6.83
N TYR A 196 8.44 0.58 -6.99
CA TYR A 196 9.11 -0.35 -7.91
C TYR A 196 8.33 -0.62 -9.20
N ARG A 197 7.17 0.05 -9.38
CA ARG A 197 6.26 -0.10 -10.49
C ARG A 197 6.73 0.54 -11.82
N ALA A 198 6.80 -0.30 -12.88
CA ALA A 198 7.26 0.14 -14.21
C ALA A 198 6.30 1.18 -14.81
N PRO A 199 6.86 2.15 -15.55
CA PRO A 199 6.01 3.23 -16.07
C PRO A 199 4.92 2.75 -17.03
N GLU A 200 5.12 1.64 -17.79
CA GLU A 200 4.06 1.15 -18.68
C GLU A 200 2.82 0.73 -17.89
N LEU A 201 3.00 0.22 -16.65
CA LEU A 201 1.90 -0.16 -15.76
C LEU A 201 1.09 1.08 -15.34
N ILE A 202 1.77 2.20 -15.04
CA ILE A 202 1.13 3.46 -14.66
C ILE A 202 0.36 4.04 -15.87
N PHE A 203 0.88 3.84 -17.10
CA PHE A 203 0.16 4.25 -18.31
C PHE A 203 -1.05 3.31 -18.63
N GLY A 204 -1.27 2.28 -17.83
CA GLY A 204 -2.40 1.38 -17.99
C GLY A 204 -2.20 0.26 -18.96
N ALA A 205 -0.94 -0.07 -19.31
CA ALA A 205 -0.69 -1.16 -20.24
C ALA A 205 -1.17 -2.50 -19.71
N THR A 206 -1.81 -3.28 -20.58
CA THR A 206 -2.29 -4.63 -20.27
C THR A 206 -1.51 -5.69 -21.07
N ASP A 207 -0.67 -5.29 -22.05
CA ASP A 207 0.10 -6.26 -22.84
C ASP A 207 1.60 -6.21 -22.50
N TYR A 208 1.92 -5.95 -21.23
CA TYR A 208 3.31 -5.85 -20.82
C TYR A 208 4.02 -7.18 -20.72
N THR A 209 5.35 -7.15 -20.68
CA THR A 209 6.20 -8.33 -20.65
C THR A 209 6.94 -8.46 -19.26
N SER A 210 7.80 -9.49 -19.14
CA SER A 210 8.67 -9.76 -18.00
C SER A 210 9.64 -8.61 -17.70
N SER A 211 9.83 -7.68 -18.65
CA SER A 211 10.69 -6.53 -18.46
C SER A 211 10.18 -5.57 -17.37
N ILE A 212 8.94 -5.74 -16.87
CA ILE A 212 8.46 -4.93 -15.74
C ILE A 212 9.28 -5.30 -14.46
N ASP A 213 9.73 -6.56 -14.35
CA ASP A 213 10.55 -7.05 -13.23
C ASP A 213 11.95 -6.49 -13.28
N VAL A 214 12.46 -6.23 -14.49
CA VAL A 214 13.77 -5.64 -14.69
C VAL A 214 13.73 -4.15 -14.31
N TRP A 215 12.59 -3.47 -14.55
CA TRP A 215 12.45 -2.08 -14.09
C TRP A 215 12.50 -2.09 -12.54
N SER A 216 11.74 -3.01 -11.90
CA SER A 216 11.68 -3.18 -10.45
C SER A 216 13.08 -3.45 -9.87
N ALA A 217 13.87 -4.36 -10.51
CA ALA A 217 15.26 -4.66 -10.11
C ALA A 217 16.16 -3.41 -10.22
N GLY A 218 15.98 -2.59 -11.25
CA GLY A 218 16.71 -1.33 -11.38
C GLY A 218 16.36 -0.37 -10.25
N CYS A 219 15.06 -0.34 -9.79
CA CYS A 219 14.66 0.49 -8.65
C CYS A 219 15.33 0.01 -7.35
N VAL A 220 15.46 -1.32 -7.17
CA VAL A 220 16.11 -1.89 -5.99
C VAL A 220 17.60 -1.54 -6.03
N LEU A 221 18.26 -1.70 -7.18
CA LEU A 221 19.67 -1.33 -7.32
C LEU A 221 19.89 0.17 -6.98
N ALA A 222 19.11 1.09 -7.59
CA ALA A 222 19.25 2.52 -7.33
C ALA A 222 19.05 2.86 -5.86
N GLU A 223 18.09 2.20 -5.19
CA GLU A 223 17.80 2.40 -3.78
C GLU A 223 18.99 1.96 -2.91
N LEU A 224 19.65 0.86 -3.29
CA LEU A 224 20.82 0.37 -2.56
C LEU A 224 22.02 1.32 -2.69
N LEU A 225 22.11 2.04 -3.79
CA LEU A 225 23.20 3.02 -4.02
C LEU A 225 22.90 4.35 -3.36
N LEU A 226 21.64 4.77 -3.39
CA LEU A 226 21.19 6.06 -2.85
C LEU A 226 20.97 6.07 -1.34
N GLY A 227 20.50 4.97 -0.78
CA GLY A 227 20.16 4.90 0.64
C GLY A 227 18.69 5.22 0.90
N GLN A 228 17.88 5.30 -0.17
CA GLN A 228 16.46 5.59 -0.12
C GLN A 228 15.84 5.30 -1.49
N PRO A 229 14.50 5.08 -1.56
CA PRO A 229 13.89 4.85 -2.89
C PRO A 229 14.19 5.95 -3.91
N ILE A 230 14.53 5.58 -5.14
CA ILE A 230 14.79 6.57 -6.18
C ILE A 230 13.47 7.27 -6.65
N PHE A 231 12.32 6.54 -6.63
CA PHE A 231 11.05 7.16 -7.07
C PHE A 231 9.98 7.03 -6.00
N PRO A 232 9.97 7.91 -4.97
CA PRO A 232 8.99 7.75 -3.87
C PRO A 232 7.61 8.41 -4.11
N GLY A 233 6.82 7.85 -5.01
CA GLY A 233 5.50 8.38 -5.33
C GLY A 233 4.52 8.30 -4.17
N ASP A 234 3.64 9.32 -4.03
CA ASP A 234 2.65 9.28 -2.94
C ASP A 234 1.27 8.76 -3.39
N SER A 235 1.16 8.27 -4.62
CA SER A 235 -0.02 7.63 -5.20
C SER A 235 0.43 6.92 -6.49
N GLY A 236 -0.42 6.07 -7.05
CA GLY A 236 -0.10 5.39 -8.30
C GLY A 236 0.18 6.35 -9.46
N VAL A 237 -0.45 7.52 -9.47
CA VAL A 237 -0.22 8.54 -10.51
C VAL A 237 1.01 9.43 -10.22
N ASP A 238 1.17 9.88 -8.97
CA ASP A 238 2.35 10.66 -8.57
C ASP A 238 3.65 9.82 -8.74
N GLN A 239 3.54 8.49 -8.80
CA GLN A 239 4.68 7.61 -9.07
C GLN A 239 5.32 7.98 -10.42
N LEU A 240 4.50 8.27 -11.43
CA LEU A 240 4.99 8.69 -12.74
C LEU A 240 5.64 10.09 -12.69
N VAL A 241 5.11 11.00 -11.88
CA VAL A 241 5.74 12.31 -11.69
C VAL A 241 7.14 12.14 -11.08
N GLU A 242 7.27 11.22 -10.08
CA GLU A 242 8.58 10.99 -9.47
C GLU A 242 9.58 10.43 -10.48
N ILE A 243 9.13 9.51 -11.35
CA ILE A 243 9.97 8.94 -12.39
C ILE A 243 10.42 10.03 -13.37
N ILE A 244 9.46 10.85 -13.83
CA ILE A 244 9.70 11.96 -14.77
C ILE A 244 10.71 12.96 -14.22
N LYS A 245 10.67 13.25 -12.90
CA LYS A 245 11.65 14.15 -12.28
C LYS A 245 13.10 13.68 -12.51
N VAL A 246 13.31 12.36 -12.69
CA VAL A 246 14.65 11.83 -12.92
C VAL A 246 14.94 11.55 -14.39
N LEU A 247 14.08 10.77 -15.07
CA LEU A 247 14.34 10.40 -16.47
C LEU A 247 13.89 11.43 -17.51
N GLY A 248 13.21 12.49 -17.07
CA GLY A 248 12.64 13.47 -17.99
C GLY A 248 11.33 12.98 -18.57
N THR A 249 10.58 13.87 -19.22
CA THR A 249 9.33 13.50 -19.86
C THR A 249 9.59 12.48 -20.99
N PRO A 250 8.87 11.37 -21.04
CA PRO A 250 9.12 10.40 -22.13
C PRO A 250 8.67 10.98 -23.47
N THR A 251 9.43 10.69 -24.53
CA THR A 251 9.07 11.15 -25.87
C THR A 251 7.81 10.41 -26.35
N ARG A 252 7.13 10.95 -27.38
CA ARG A 252 5.95 10.31 -27.99
C ARG A 252 6.18 8.87 -28.39
N GLU A 253 7.39 8.56 -28.87
CA GLU A 253 7.74 7.20 -29.29
C GLU A 253 7.92 6.29 -28.06
N GLN A 254 8.50 6.82 -26.97
CA GLN A 254 8.66 6.07 -25.74
C GLN A 254 7.29 5.72 -25.16
N ILE A 255 6.37 6.70 -25.15
CA ILE A 255 5.00 6.52 -24.69
C ILE A 255 4.30 5.43 -25.50
N ARG A 256 4.43 5.45 -26.84
CA ARG A 256 3.88 4.43 -27.74
C ARG A 256 4.35 3.01 -27.37
N GLU A 257 5.65 2.85 -27.10
CA GLU A 257 6.24 1.57 -26.73
C GLU A 257 5.73 1.06 -25.38
N MET A 258 5.36 1.97 -24.47
CA MET A 258 4.86 1.59 -23.16
C MET A 258 3.39 1.16 -23.26
N ASN A 259 2.57 1.96 -23.94
CA ASN A 259 1.15 1.72 -24.16
C ASN A 259 0.77 2.41 -25.44
N PRO A 268 3.33 18.38 -17.91
CA PRO A 268 4.44 18.71 -16.99
C PRO A 268 5.79 18.33 -17.64
N GLN A 269 6.24 19.14 -18.60
CA GLN A 269 7.47 18.85 -19.33
C GLN A 269 8.73 19.17 -18.53
N ILE A 270 9.62 18.18 -18.35
CA ILE A 270 10.87 18.40 -17.63
C ILE A 270 12.06 17.72 -18.35
N LYS A 271 13.27 18.29 -18.24
CA LYS A 271 14.45 17.69 -18.87
C LYS A 271 15.08 16.66 -17.93
N ALA A 272 15.54 15.53 -18.48
CA ALA A 272 16.17 14.46 -17.70
C ALA A 272 17.31 14.95 -16.82
N HIS A 273 17.40 14.41 -15.61
CA HIS A 273 18.51 14.72 -14.72
C HIS A 273 19.68 13.81 -15.14
N PRO A 274 20.90 14.36 -15.25
CA PRO A 274 22.04 13.52 -15.67
C PRO A 274 22.31 12.41 -14.65
N TRP A 275 22.45 11.16 -15.12
CA TRP A 275 22.64 9.99 -14.26
C TRP A 275 23.74 10.13 -13.23
N THR A 276 24.88 10.74 -13.59
CA THR A 276 25.98 10.94 -12.67
C THR A 276 25.59 11.88 -11.51
N LYS A 277 24.66 12.82 -11.74
CA LYS A 277 24.21 13.74 -10.70
C LYS A 277 23.06 13.18 -9.82
N VAL A 278 22.49 12.04 -10.19
CA VAL A 278 21.44 11.38 -9.40
C VAL A 278 22.08 10.70 -8.17
N PHE A 279 23.21 10.04 -8.38
CA PHE A 279 23.92 9.29 -7.34
C PHE A 279 24.99 10.11 -6.59
N ARG A 280 25.48 9.60 -5.44
CA ARG A 280 26.50 10.28 -4.64
C ARG A 280 27.85 10.32 -5.37
N PRO A 281 28.74 11.28 -5.04
CA PRO A 281 30.01 11.41 -5.78
C PRO A 281 30.87 10.16 -5.92
N ARG A 282 30.97 9.32 -4.86
CA ARG A 282 31.81 8.13 -4.98
C ARG A 282 31.12 6.88 -5.53
N THR A 283 29.90 7.02 -6.09
CA THR A 283 29.17 5.87 -6.66
C THR A 283 29.93 5.29 -7.84
N PRO A 284 30.19 3.96 -7.84
CA PRO A 284 30.93 3.37 -8.97
C PRO A 284 30.26 3.63 -10.32
N PRO A 285 31.04 4.09 -11.31
CA PRO A 285 30.43 4.40 -12.62
C PRO A 285 29.76 3.21 -13.29
N GLU A 286 30.25 1.99 -13.03
CA GLU A 286 29.67 0.76 -13.59
C GLU A 286 28.27 0.47 -13.01
N ALA A 287 28.02 0.89 -11.75
CA ALA A 287 26.73 0.73 -11.11
C ALA A 287 25.72 1.70 -11.74
N ILE A 288 26.19 2.94 -12.06
CA ILE A 288 25.38 3.96 -12.71
C ILE A 288 25.03 3.51 -14.12
N ALA A 289 26.02 2.97 -14.85
CA ALA A 289 25.82 2.49 -16.20
C ALA A 289 24.81 1.35 -16.25
N LEU A 290 24.91 0.40 -15.31
CA LEU A 290 23.95 -0.71 -15.25
C LEU A 290 22.54 -0.15 -14.92
N CYS A 291 22.45 0.75 -13.94
CA CYS A 291 21.19 1.36 -13.57
C CYS A 291 20.50 2.08 -14.76
N SER A 292 21.29 2.80 -15.58
CA SER A 292 20.77 3.51 -16.75
C SER A 292 20.24 2.56 -17.84
N ARG A 293 20.76 1.33 -17.90
CA ARG A 293 20.29 0.33 -18.87
C ARG A 293 19.10 -0.51 -18.35
N LEU A 294 18.65 -0.29 -17.10
CA LEU A 294 17.51 -0.99 -16.49
C LEU A 294 16.34 -0.03 -16.39
N LEU A 295 16.61 1.23 -15.99
CA LEU A 295 15.57 2.23 -15.85
C LEU A 295 15.38 3.00 -17.17
N GLU A 296 14.89 2.30 -18.20
CA GLU A 296 14.57 2.85 -19.52
C GLU A 296 13.06 2.89 -19.67
N TYR A 297 12.48 3.94 -20.28
CA TYR A 297 11.04 3.99 -20.51
C TYR A 297 10.62 2.88 -21.47
N THR A 298 11.40 2.68 -22.55
CA THR A 298 11.10 1.66 -23.55
C THR A 298 11.37 0.29 -22.99
N PRO A 299 10.33 -0.52 -22.78
CA PRO A 299 10.55 -1.85 -22.18
C PRO A 299 11.61 -2.71 -22.89
N THR A 300 11.67 -2.69 -24.24
CA THR A 300 12.65 -3.51 -24.98
C THR A 300 14.07 -2.97 -24.89
N ALA A 301 14.26 -1.69 -24.50
CA ALA A 301 15.60 -1.13 -24.35
C ALA A 301 16.30 -1.59 -23.05
N ARG A 302 15.55 -2.15 -22.11
CA ARG A 302 16.09 -2.60 -20.83
C ARG A 302 16.85 -3.90 -20.99
N LEU A 303 17.92 -4.09 -20.22
CA LEU A 303 18.66 -5.35 -20.25
C LEU A 303 17.78 -6.50 -19.83
N THR A 304 18.01 -7.70 -20.37
CA THR A 304 17.34 -8.88 -19.86
C THR A 304 18.12 -9.25 -18.60
N PRO A 305 17.55 -10.09 -17.73
CA PRO A 305 18.29 -10.50 -16.53
C PRO A 305 19.64 -11.20 -16.79
N LEU A 306 19.75 -12.06 -17.82
CA LEU A 306 21.02 -12.71 -18.16
C LEU A 306 22.04 -11.68 -18.59
N GLU A 307 21.64 -10.70 -19.41
CA GLU A 307 22.52 -9.63 -19.85
C GLU A 307 22.98 -8.78 -18.70
N ALA A 308 22.09 -8.52 -17.71
CA ALA A 308 22.43 -7.75 -16.52
C ALA A 308 23.47 -8.53 -15.72
N CYS A 309 23.32 -9.86 -15.59
CA CYS A 309 24.30 -10.73 -14.93
C CYS A 309 25.69 -10.60 -15.57
N ALA A 310 25.75 -10.44 -16.90
CA ALA A 310 27.01 -10.32 -17.65
C ALA A 310 27.62 -8.92 -17.65
N HIS A 311 26.96 -7.93 -17.02
CA HIS A 311 27.44 -6.57 -16.99
C HIS A 311 28.76 -6.46 -16.20
N SER A 312 29.62 -5.49 -16.57
CA SER A 312 30.89 -5.23 -15.93
C SER A 312 30.79 -4.81 -14.44
N PHE A 313 29.59 -4.42 -13.98
CA PHE A 313 29.39 -4.13 -12.56
C PHE A 313 29.63 -5.40 -11.71
N PHE A 314 29.36 -6.58 -12.26
CA PHE A 314 29.56 -7.83 -11.54
C PHE A 314 30.91 -8.49 -11.83
N ASP A 315 31.88 -7.75 -12.39
CA ASP A 315 33.20 -8.33 -12.72
C ASP A 315 33.94 -8.83 -11.49
N GLU A 316 33.88 -8.08 -10.36
CA GLU A 316 34.51 -8.50 -9.11
C GLU A 316 34.04 -9.88 -8.65
N LEU A 317 32.75 -10.22 -8.89
CA LEU A 317 32.22 -11.53 -8.52
C LEU A 317 32.84 -12.68 -9.30
N ARG A 318 33.36 -12.40 -10.52
CA ARG A 318 34.03 -13.44 -11.33
C ARG A 318 35.54 -13.51 -11.07
N ASP A 319 36.08 -12.76 -10.10
CA ASP A 319 37.50 -12.79 -9.76
C ASP A 319 37.72 -14.03 -8.91
N PRO A 320 38.74 -14.86 -9.22
CA PRO A 320 38.94 -16.09 -8.42
C PRO A 320 39.30 -15.87 -6.96
N ASN A 321 39.73 -14.67 -6.61
CA ASN A 321 40.12 -14.35 -5.23
C ASN A 321 39.03 -13.64 -4.43
N VAL A 322 37.81 -13.49 -4.99
CA VAL A 322 36.70 -12.81 -4.31
C VAL A 322 36.28 -13.57 -3.04
N LYS A 323 36.03 -12.83 -1.97
CA LYS A 323 35.57 -13.41 -0.71
C LYS A 323 34.50 -12.51 -0.10
N LEU A 324 33.66 -13.08 0.78
CA LEU A 324 32.69 -12.28 1.52
C LEU A 324 33.46 -11.49 2.59
N PRO A 325 32.93 -10.34 3.03
CA PRO A 325 33.61 -9.57 4.09
C PRO A 325 33.91 -10.33 5.38
N ASN A 326 33.20 -11.45 5.64
CA ASN A 326 33.50 -12.25 6.83
C ASN A 326 34.57 -13.35 6.59
N GLY A 327 35.25 -13.30 5.46
CA GLY A 327 36.30 -14.26 5.12
C GLY A 327 35.87 -15.52 4.41
N ARG A 328 34.57 -15.84 4.46
CA ARG A 328 34.05 -17.05 3.79
C ARG A 328 33.99 -16.90 2.27
N ASP A 329 33.84 -18.02 1.56
CA ASP A 329 33.67 -18.00 0.11
C ASP A 329 32.29 -17.43 -0.24
N THR A 330 32.18 -16.81 -1.41
CA THR A 330 30.91 -16.32 -1.91
C THR A 330 30.01 -17.53 -2.25
N PRO A 331 28.67 -17.38 -2.32
CA PRO A 331 27.83 -18.53 -2.72
C PRO A 331 28.15 -19.01 -4.15
N ALA A 332 27.56 -20.13 -4.58
CA ALA A 332 27.79 -20.64 -5.93
C ALA A 332 27.12 -19.72 -6.94
N LEU A 333 27.91 -18.89 -7.65
CA LEU A 333 27.40 -17.91 -8.60
C LEU A 333 27.49 -18.31 -10.07
N PHE A 334 28.17 -19.41 -10.37
CA PHE A 334 28.44 -19.83 -11.75
C PHE A 334 27.85 -21.16 -12.15
N ASN A 335 27.07 -21.82 -11.27
CA ASN A 335 26.47 -23.10 -11.62
C ASN A 335 25.20 -22.94 -12.48
N PHE A 336 25.29 -22.20 -13.59
CA PHE A 336 24.14 -22.00 -14.48
C PHE A 336 23.69 -23.25 -15.18
N THR A 337 22.37 -23.54 -15.13
CA THR A 337 21.84 -24.68 -15.88
C THR A 337 21.59 -24.24 -17.34
N THR A 338 21.24 -25.20 -18.23
CA THR A 338 20.93 -24.88 -19.62
C THR A 338 19.67 -24.01 -19.67
N GLN A 339 18.67 -24.30 -18.81
CA GLN A 339 17.43 -23.52 -18.69
C GLN A 339 17.68 -22.03 -18.33
N GLU A 340 18.64 -21.76 -17.41
CA GLU A 340 18.96 -20.39 -17.01
C GLU A 340 19.63 -19.62 -18.16
N LEU A 341 20.48 -20.31 -18.94
CA LEU A 341 21.18 -19.65 -20.04
C LEU A 341 20.40 -19.63 -21.36
N SER A 342 19.26 -20.31 -21.44
CA SER A 342 18.47 -20.51 -22.67
C SER A 342 18.16 -19.24 -23.48
N SER A 343 18.00 -18.08 -22.83
CA SER A 343 17.71 -16.85 -23.57
C SER A 343 18.87 -16.37 -24.44
N ASN A 344 20.11 -16.71 -24.07
CA ASN A 344 21.31 -16.30 -24.81
C ASN A 344 22.47 -17.22 -24.39
N PRO A 345 22.49 -18.47 -24.90
CA PRO A 345 23.56 -19.40 -24.50
C PRO A 345 25.00 -18.88 -24.67
N PRO A 346 25.39 -18.14 -25.75
CA PRO A 346 26.78 -17.65 -25.82
C PRO A 346 27.25 -16.75 -24.68
N LEU A 347 26.34 -16.24 -23.84
CA LEU A 347 26.73 -15.41 -22.68
C LEU A 347 27.50 -16.19 -21.60
N ALA A 348 27.46 -17.55 -21.64
CA ALA A 348 28.16 -18.45 -20.73
C ALA A 348 29.69 -18.22 -20.71
N THR A 349 30.26 -17.68 -21.80
CA THR A 349 31.68 -17.41 -21.87
C THR A 349 32.06 -16.23 -20.95
N ILE A 350 31.12 -15.31 -20.69
CA ILE A 350 31.34 -14.21 -19.76
C ILE A 350 30.85 -14.66 -18.37
N LEU A 351 29.67 -15.28 -18.31
CA LEU A 351 29.02 -15.72 -17.07
C LEU A 351 29.78 -16.78 -16.28
N ILE A 352 30.37 -17.77 -16.95
CA ILE A 352 31.14 -18.81 -16.28
C ILE A 352 32.63 -18.58 -16.54
N PRO A 353 33.33 -17.94 -15.58
CA PRO A 353 34.77 -17.67 -15.77
C PRO A 353 35.60 -18.94 -15.84
N PRO A 354 36.73 -18.90 -16.56
CA PRO A 354 37.54 -20.12 -16.75
C PRO A 354 37.87 -20.90 -15.47
N HIS A 355 38.09 -20.21 -14.34
CA HIS A 355 38.40 -20.88 -13.07
C HIS A 355 37.22 -21.68 -12.47
N ALA A 356 36.02 -21.59 -13.07
CA ALA A 356 34.84 -22.31 -12.60
C ALA A 356 34.31 -23.34 -13.61
N LYS B 10 -11.79 19.06 -27.39
CA LYS B 10 -12.48 17.77 -27.47
C LYS B 10 -13.56 17.62 -26.38
N VAL B 11 -14.84 17.64 -26.78
CA VAL B 11 -15.95 17.52 -25.84
C VAL B 11 -16.56 16.11 -25.86
N THR B 12 -16.74 15.50 -24.69
CA THR B 12 -17.35 14.20 -24.54
C THR B 12 -18.79 14.40 -24.04
N THR B 13 -19.78 13.80 -24.69
CA THR B 13 -21.18 13.90 -24.27
C THR B 13 -21.65 12.52 -23.89
N VAL B 14 -22.19 12.40 -22.69
CA VAL B 14 -22.66 11.12 -22.19
C VAL B 14 -24.11 11.29 -21.68
N VAL B 15 -24.79 10.18 -21.47
CA VAL B 15 -26.14 10.21 -20.91
C VAL B 15 -26.02 9.74 -19.48
N ALA B 16 -26.08 10.69 -18.57
CA ALA B 16 -25.85 10.49 -17.15
C ALA B 16 -27.08 10.60 -16.27
N THR B 17 -27.18 9.73 -15.26
CA THR B 17 -28.27 9.77 -14.30
C THR B 17 -27.81 10.56 -13.10
N PRO B 18 -28.62 11.54 -12.62
CA PRO B 18 -28.23 12.30 -11.42
C PRO B 18 -28.06 11.37 -10.22
N GLY B 19 -27.07 11.68 -9.39
CA GLY B 19 -26.76 10.87 -8.21
C GLY B 19 -27.83 10.83 -7.15
N PRO B 22 -34.70 9.60 -8.37
CA PRO B 22 -35.34 9.96 -9.63
C PRO B 22 -34.43 9.55 -10.79
N ASP B 23 -34.45 8.25 -11.14
CA ASP B 23 -33.58 7.65 -12.16
C ASP B 23 -33.90 8.07 -13.60
N ARG B 24 -33.69 9.35 -13.93
CA ARG B 24 -33.96 9.84 -15.27
C ARG B 24 -32.74 10.54 -15.88
N PRO B 25 -32.08 9.84 -16.81
CA PRO B 25 -30.85 10.39 -17.39
C PRO B 25 -30.98 11.67 -18.20
N GLN B 26 -29.88 12.41 -18.29
CA GLN B 26 -29.79 13.63 -19.06
C GLN B 26 -28.43 13.68 -19.76
N GLU B 27 -28.34 14.44 -20.84
CA GLU B 27 -27.10 14.61 -21.56
C GLU B 27 -26.19 15.51 -20.76
N VAL B 28 -24.94 15.07 -20.54
CA VAL B 28 -23.94 15.83 -19.80
C VAL B 28 -22.69 15.91 -20.68
N SER B 29 -22.18 17.11 -20.92
CA SER B 29 -20.99 17.30 -21.75
C SER B 29 -19.82 17.77 -20.90
N TYR B 30 -18.63 17.23 -21.16
CA TYR B 30 -17.43 17.62 -20.40
C TYR B 30 -16.20 17.69 -21.30
N THR B 31 -15.19 18.43 -20.85
CA THR B 31 -13.93 18.59 -21.58
C THR B 31 -12.72 18.67 -20.61
N ASP B 32 -11.48 18.90 -21.13
CA ASP B 32 -10.25 19.08 -20.35
C ASP B 32 -10.00 17.93 -19.38
N THR B 33 -10.13 16.70 -19.87
CA THR B 33 -9.97 15.52 -19.01
C THR B 33 -8.51 15.20 -18.79
N LYS B 34 -8.17 14.87 -17.55
CA LYS B 34 -6.80 14.50 -17.22
C LYS B 34 -6.79 13.50 -16.09
N VAL B 35 -5.87 12.53 -16.15
CA VAL B 35 -5.76 11.51 -15.11
C VAL B 35 -5.21 12.13 -13.85
N ILE B 36 -5.89 11.96 -12.72
CA ILE B 36 -5.44 12.51 -11.44
C ILE B 36 -5.28 11.45 -10.33
N GLY B 37 -5.81 10.25 -10.55
CA GLY B 37 -5.79 9.18 -9.56
C GLY B 37 -5.87 7.81 -10.19
N ASN B 38 -5.54 6.77 -9.42
CA ASN B 38 -5.38 5.39 -9.84
C ASN B 38 -5.79 4.39 -8.77
N GLY B 39 -5.92 3.13 -9.15
CA GLY B 39 -6.15 2.06 -8.19
C GLY B 39 -6.46 0.74 -8.87
N SER B 40 -6.70 -0.31 -8.06
CA SER B 40 -7.09 -1.60 -8.64
C SER B 40 -8.52 -1.48 -9.26
N PHE B 41 -9.34 -0.53 -8.80
CA PHE B 41 -10.70 -0.25 -9.32
C PHE B 41 -10.66 0.32 -10.74
N GLY B 42 -9.62 1.08 -11.06
CA GLY B 42 -9.52 1.76 -12.34
C GLY B 42 -8.81 3.10 -12.21
N VAL B 43 -9.38 4.15 -12.81
CA VAL B 43 -8.75 5.48 -12.88
C VAL B 43 -9.69 6.61 -12.38
N VAL B 44 -9.13 7.71 -11.89
CA VAL B 44 -9.87 8.90 -11.49
C VAL B 44 -9.36 10.04 -12.38
N TYR B 45 -10.28 10.76 -13.03
CA TYR B 45 -9.96 11.87 -13.91
C TYR B 45 -10.47 13.16 -13.31
N GLN B 46 -9.96 14.28 -13.81
CA GLN B 46 -10.53 15.58 -13.54
C GLN B 46 -11.11 16.01 -14.89
N ALA B 47 -12.26 16.66 -14.89
CA ALA B 47 -12.86 17.17 -16.13
C ALA B 47 -13.64 18.48 -15.83
N LYS B 48 -14.00 19.22 -16.88
CA LYS B 48 -14.74 20.47 -16.73
C LYS B 48 -16.10 20.33 -17.41
N LEU B 49 -17.20 20.57 -16.69
CA LEU B 49 -18.54 20.49 -17.27
C LEU B 49 -18.71 21.65 -18.24
N CYS B 50 -19.29 21.39 -19.40
CA CYS B 50 -19.42 22.38 -20.45
C CYS B 50 -20.35 23.56 -20.15
N ASP B 51 -21.52 23.30 -19.55
CA ASP B 51 -22.45 24.40 -19.28
C ASP B 51 -21.92 25.37 -18.20
N SER B 52 -21.69 24.85 -16.99
CA SER B 52 -21.26 25.64 -15.85
C SER B 52 -19.76 25.94 -15.74
N GLY B 53 -18.92 25.15 -16.41
CA GLY B 53 -17.48 25.30 -16.28
C GLY B 53 -16.96 24.75 -14.95
N GLU B 54 -17.83 24.09 -14.17
CA GLU B 54 -17.48 23.51 -12.88
C GLU B 54 -16.57 22.31 -13.05
N LEU B 55 -15.59 22.17 -12.17
CA LEU B 55 -14.67 21.05 -12.22
C LEU B 55 -15.27 19.85 -11.52
N VAL B 56 -15.05 18.69 -12.10
CA VAL B 56 -15.51 17.43 -11.52
C VAL B 56 -14.38 16.40 -11.47
N ALA B 57 -14.51 15.43 -10.57
CA ALA B 57 -13.67 14.26 -10.51
C ALA B 57 -14.54 13.13 -11.11
N ILE B 58 -13.99 12.36 -12.04
CA ILE B 58 -14.72 11.23 -12.62
C ILE B 58 -14.00 9.95 -12.26
N LYS B 59 -14.61 9.10 -11.45
CA LYS B 59 -14.01 7.83 -11.05
C LYS B 59 -14.57 6.71 -11.94
N LYS B 60 -13.70 6.15 -12.77
CA LYS B 60 -14.04 5.09 -13.74
C LYS B 60 -13.66 3.72 -13.17
N VAL B 61 -14.67 2.90 -12.91
CA VAL B 61 -14.53 1.59 -12.30
C VAL B 61 -14.97 0.49 -13.26
N LEU B 62 -14.15 -0.58 -13.42
CA LEU B 62 -14.52 -1.73 -14.26
C LEU B 62 -15.66 -2.43 -13.54
N GLN B 63 -16.81 -2.55 -14.19
CA GLN B 63 -18.00 -3.09 -13.55
C GLN B 63 -18.55 -4.33 -14.26
N ASP B 64 -18.82 -5.39 -13.49
CA ASP B 64 -19.41 -6.60 -14.05
C ASP B 64 -20.92 -6.38 -14.18
N LYS B 65 -21.48 -6.64 -15.37
CA LYS B 65 -22.92 -6.46 -15.59
C LYS B 65 -23.80 -7.39 -14.73
N ARG B 66 -23.20 -8.46 -14.15
CA ARG B 66 -23.87 -9.41 -13.26
C ARG B 66 -23.53 -9.08 -11.81
N PHE B 67 -24.38 -8.22 -11.17
CA PHE B 67 -24.34 -7.74 -9.77
C PHE B 67 -24.15 -6.21 -9.68
N LYS B 68 -24.77 -5.63 -8.65
CA LYS B 68 -24.72 -4.20 -8.38
C LYS B 68 -23.35 -3.74 -7.85
N ASN B 69 -23.06 -2.44 -8.00
CA ASN B 69 -21.83 -1.87 -7.51
C ASN B 69 -22.12 -1.34 -6.11
N ARG B 70 -21.41 -1.82 -5.11
CA ARG B 70 -21.59 -1.43 -3.72
C ARG B 70 -21.31 0.07 -3.50
N GLU B 71 -20.23 0.60 -4.08
CA GLU B 71 -19.87 2.02 -3.93
C GLU B 71 -21.01 2.92 -4.46
N LEU B 72 -21.53 2.61 -5.64
CA LEU B 72 -22.63 3.36 -6.23
C LEU B 72 -23.89 3.32 -5.35
N GLN B 73 -24.26 2.15 -4.81
CA GLN B 73 -25.46 2.05 -3.99
C GLN B 73 -25.33 2.87 -2.70
N ILE B 74 -24.13 2.92 -2.11
CA ILE B 74 -23.85 3.70 -0.93
C ILE B 74 -23.89 5.19 -1.27
N MET B 75 -23.25 5.61 -2.38
CA MET B 75 -23.20 7.03 -2.81
C MET B 75 -24.59 7.61 -3.14
N ARG B 76 -25.51 6.77 -3.63
CA ARG B 76 -26.87 7.23 -3.96
C ARG B 76 -27.70 7.58 -2.72
N LYS B 77 -27.35 7.05 -1.54
CA LYS B 77 -28.08 7.33 -0.30
C LYS B 77 -27.52 8.50 0.50
N LEU B 78 -26.34 9.03 0.13
CA LEU B 78 -25.70 10.06 0.94
C LEU B 78 -25.96 11.49 0.48
N ASP B 79 -26.38 12.34 1.42
CA ASP B 79 -26.61 13.75 1.16
C ASP B 79 -26.17 14.47 2.42
N HIS B 80 -24.91 14.87 2.45
CA HIS B 80 -24.34 15.52 3.63
C HIS B 80 -23.26 16.52 3.20
N CYS B 81 -23.19 17.65 3.91
CA CYS B 81 -22.27 18.75 3.67
C CYS B 81 -20.78 18.36 3.78
N ASN B 82 -20.48 17.32 4.57
CA ASN B 82 -19.11 16.88 4.80
C ASN B 82 -18.76 15.57 4.09
N ILE B 83 -19.46 15.28 3.01
CA ILE B 83 -19.22 14.12 2.18
C ILE B 83 -19.33 14.59 0.75
N VAL B 84 -18.36 14.24 -0.11
CA VAL B 84 -18.41 14.64 -1.53
C VAL B 84 -19.69 14.13 -2.20
N ARG B 85 -20.36 15.01 -2.94
CA ARG B 85 -21.64 14.72 -3.57
C ARG B 85 -21.49 14.02 -4.91
N LEU B 86 -22.22 12.92 -5.10
CA LEU B 86 -22.26 12.25 -6.38
C LEU B 86 -23.23 13.08 -7.26
N ARG B 87 -22.70 13.84 -8.21
CA ARG B 87 -23.49 14.67 -9.11
C ARG B 87 -24.23 13.77 -10.09
N TYR B 88 -23.50 12.85 -10.77
CA TYR B 88 -24.03 11.96 -11.79
C TYR B 88 -23.28 10.62 -11.82
N PHE B 89 -23.84 9.65 -12.53
CA PHE B 89 -23.19 8.41 -12.86
C PHE B 89 -23.58 8.03 -14.30
N PHE B 90 -22.65 7.40 -15.01
CA PHE B 90 -22.90 6.98 -16.38
C PHE B 90 -22.08 5.75 -16.73
N TYR B 91 -22.42 5.08 -17.84
CA TYR B 91 -21.68 3.90 -18.26
C TYR B 91 -20.91 4.13 -19.54
N SER B 92 -19.77 3.44 -19.72
CA SER B 92 -18.96 3.60 -20.93
C SER B 92 -18.36 2.27 -21.43
N SER B 93 -17.87 2.24 -22.68
CA SER B 93 -17.28 1.11 -23.41
C SER B 93 -18.29 0.01 -23.73
N GLU B 99 -17.37 -5.22 -22.03
CA GLU B 99 -16.55 -4.42 -21.13
C GLU B 99 -17.31 -3.16 -20.72
N VAL B 100 -17.99 -3.15 -19.57
CA VAL B 100 -18.73 -1.97 -19.12
C VAL B 100 -18.04 -1.30 -17.95
N TYR B 101 -17.95 0.04 -17.96
CA TYR B 101 -17.35 0.78 -16.87
C TYR B 101 -18.41 1.68 -16.24
N LEU B 102 -18.45 1.72 -14.94
CA LEU B 102 -19.28 2.63 -14.18
C LEU B 102 -18.42 3.89 -13.95
N ASN B 103 -19.01 5.06 -14.15
CA ASN B 103 -18.31 6.32 -13.98
C ASN B 103 -19.07 7.16 -13.01
N LEU B 104 -18.45 7.51 -11.87
CA LEU B 104 -19.03 8.34 -10.85
C LEU B 104 -18.51 9.77 -11.08
N VAL B 105 -19.39 10.78 -11.14
CA VAL B 105 -19.02 12.18 -11.39
C VAL B 105 -19.26 12.94 -10.10
N LEU B 106 -18.20 13.47 -9.50
CA LEU B 106 -18.30 14.15 -8.20
C LEU B 106 -17.79 15.55 -8.30
N ASP B 107 -18.25 16.48 -7.43
CA ASP B 107 -17.72 17.86 -7.44
C ASP B 107 -16.23 17.79 -7.06
N TYR B 108 -15.38 18.49 -7.80
CA TYR B 108 -13.96 18.45 -7.55
C TYR B 108 -13.58 19.32 -6.34
N VAL B 109 -12.75 18.79 -5.43
CA VAL B 109 -12.22 19.51 -4.26
C VAL B 109 -10.72 19.49 -4.42
N PRO B 110 -10.04 20.67 -4.47
CA PRO B 110 -8.62 20.67 -4.83
C PRO B 110 -7.60 20.28 -3.76
N GLU B 111 -7.87 20.45 -2.47
CA GLU B 111 -6.87 20.15 -1.44
C GLU B 111 -7.24 18.97 -0.56
N THR B 112 -6.29 18.47 0.25
CA THR B 112 -6.56 17.40 1.18
C THR B 112 -5.84 17.66 2.49
N VAL B 113 -6.31 17.04 3.56
CA VAL B 113 -5.68 17.05 4.88
C VAL B 113 -4.24 16.49 4.77
N TYR B 114 -4.03 15.48 3.87
CA TYR B 114 -2.71 14.90 3.64
C TYR B 114 -1.72 15.95 3.10
N ARG B 115 -2.09 16.68 2.03
CA ARG B 115 -1.25 17.70 1.42
C ARG B 115 -0.99 18.85 2.38
N VAL B 116 -2.00 19.25 3.14
CA VAL B 116 -1.86 20.34 4.12
C VAL B 116 -0.87 19.91 5.23
N ALA B 117 -1.03 18.72 5.79
CA ALA B 117 -0.17 18.21 6.84
C ALA B 117 1.27 18.07 6.37
N ARG B 118 1.47 17.58 5.14
CA ARG B 118 2.79 17.40 4.54
C ARG B 118 3.47 18.76 4.38
N HIS B 119 2.73 19.78 3.95
CA HIS B 119 3.29 21.14 3.81
C HIS B 119 3.84 21.65 5.16
N TYR B 120 3.10 21.47 6.25
CA TYR B 120 3.54 21.89 7.57
C TYR B 120 4.74 21.09 8.03
N SER B 121 4.71 19.78 7.82
CA SER B 121 5.77 18.87 8.22
C SER B 121 7.11 19.19 7.54
N ARG B 122 7.09 19.51 6.24
CA ARG B 122 8.29 19.87 5.48
CA ARG B 122 8.31 19.85 5.51
C ARG B 122 8.87 21.22 5.93
N ALA B 123 8.01 22.12 6.41
CA ALA B 123 8.44 23.44 6.88
C ALA B 123 8.81 23.42 8.38
N LYS B 124 8.80 22.23 9.04
CA LYS B 124 9.07 22.02 10.46
C LYS B 124 8.09 22.79 11.35
N GLN B 125 6.84 22.98 10.88
CA GLN B 125 5.78 23.69 11.59
C GLN B 125 4.61 22.76 11.94
N THR B 126 3.78 23.13 12.92
CA THR B 126 2.58 22.36 13.23
C THR B 126 1.36 23.12 12.75
N LEU B 127 0.34 22.37 12.34
CA LEU B 127 -0.89 22.98 11.84
C LEU B 127 -1.60 23.68 13.02
N PRO B 128 -1.95 24.99 12.89
CA PRO B 128 -2.66 25.69 14.00
C PRO B 128 -3.85 24.89 14.52
N VAL B 129 -4.02 24.84 15.85
CA VAL B 129 -5.05 24.04 16.54
C VAL B 129 -6.47 24.39 16.07
N ILE B 130 -6.72 25.61 15.60
CA ILE B 130 -8.05 25.97 15.08
C ILE B 130 -8.40 25.10 13.87
N TYR B 131 -7.40 24.77 13.03
CA TYR B 131 -7.60 23.94 11.85
C TYR B 131 -7.80 22.51 12.24
N VAL B 132 -7.02 22.01 13.23
CA VAL B 132 -7.18 20.65 13.76
C VAL B 132 -8.60 20.47 14.29
N LYS B 133 -9.13 21.48 14.99
CA LYS B 133 -10.52 21.46 15.50
C LYS B 133 -11.53 21.44 14.35
N LEU B 134 -11.40 22.36 13.37
CA LEU B 134 -12.34 22.40 12.25
C LEU B 134 -12.34 21.12 11.42
N TYR B 135 -11.17 20.55 11.11
CA TYR B 135 -11.08 19.36 10.28
C TYR B 135 -11.62 18.13 10.97
N MET B 136 -11.22 17.91 12.24
CA MET B 136 -11.66 16.75 13.00
C MET B 136 -13.13 16.78 13.28
N TYR B 137 -13.68 17.95 13.61
CA TYR B 137 -15.11 18.10 13.88
C TYR B 137 -15.94 17.74 12.65
N GLN B 138 -15.56 18.24 11.48
CA GLN B 138 -16.28 17.92 10.24
C GLN B 138 -16.14 16.43 9.85
N LEU B 139 -14.99 15.81 10.16
CA LEU B 139 -14.81 14.38 9.90
C LEU B 139 -15.76 13.59 10.83
N PHE B 140 -15.83 13.99 12.12
CA PHE B 140 -16.73 13.31 13.05
C PHE B 140 -18.21 13.46 12.65
N ARG B 141 -18.60 14.60 12.09
CA ARG B 141 -19.95 14.79 11.60
C ARG B 141 -20.24 13.84 10.44
N SER B 142 -19.33 13.76 9.46
CA SER B 142 -19.52 12.86 8.33
C SER B 142 -19.64 11.40 8.79
N LEU B 143 -18.87 11.00 9.84
CA LEU B 143 -18.89 9.65 10.38
C LEU B 143 -20.16 9.37 11.18
N ALA B 144 -20.65 10.34 11.96
CA ALA B 144 -21.92 10.18 12.70
C ALA B 144 -23.06 9.97 11.70
N TYR B 145 -23.04 10.71 10.58
CA TYR B 145 -24.00 10.54 9.51
C TYR B 145 -23.94 9.15 8.88
N ILE B 146 -22.77 8.72 8.33
CA ILE B 146 -22.71 7.41 7.68
C ILE B 146 -22.97 6.28 8.67
N HIS B 147 -22.49 6.40 9.91
CA HIS B 147 -22.68 5.37 10.91
C HIS B 147 -24.19 5.22 11.29
N SER B 148 -24.96 6.32 11.20
CA SER B 148 -26.42 6.27 11.44
C SER B 148 -27.16 5.36 10.45
N PHE B 149 -26.53 5.03 9.29
CA PHE B 149 -27.11 4.11 8.30
C PHE B 149 -26.51 2.72 8.38
N GLY B 150 -25.64 2.44 9.36
CA GLY B 150 -24.94 1.17 9.44
C GLY B 150 -23.76 1.06 8.46
N ILE B 151 -23.40 2.17 7.80
CA ILE B 151 -22.32 2.19 6.82
C ILE B 151 -20.97 2.55 7.47
N CYS B 152 -19.97 1.72 7.23
CA CYS B 152 -18.63 1.91 7.72
C CYS B 152 -17.77 2.26 6.52
N HIS B 153 -17.00 3.36 6.59
CA HIS B 153 -16.17 3.81 5.49
C HIS B 153 -15.01 2.86 5.22
N ARG B 154 -14.33 2.42 6.27
CA ARG B 154 -13.21 1.48 6.23
C ARG B 154 -11.96 1.98 5.51
N ASP B 155 -11.82 3.30 5.29
CA ASP B 155 -10.59 3.83 4.69
C ASP B 155 -10.38 5.27 5.08
N ILE B 156 -10.62 5.58 6.36
CA ILE B 156 -10.43 6.92 6.87
C ILE B 156 -8.94 7.17 6.95
N LYS B 157 -8.45 8.12 6.16
CA LYS B 157 -7.04 8.49 6.06
C LYS B 157 -6.97 9.94 5.50
N PRO B 158 -5.87 10.69 5.75
CA PRO B 158 -5.81 12.11 5.32
C PRO B 158 -6.00 12.33 3.83
N GLN B 159 -5.62 11.34 3.01
CA GLN B 159 -5.78 11.41 1.56
C GLN B 159 -7.26 11.38 1.12
N ASN B 160 -8.16 10.86 1.98
CA ASN B 160 -9.59 10.86 1.66
C ASN B 160 -10.39 11.99 2.30
N LEU B 161 -9.70 12.98 2.86
CA LEU B 161 -10.32 14.09 3.52
C LEU B 161 -10.05 15.31 2.66
N LEU B 162 -10.99 15.67 1.79
CA LEU B 162 -10.81 16.78 0.87
C LEU B 162 -11.11 18.10 1.57
N LEU B 163 -10.41 19.16 1.20
CA LEU B 163 -10.56 20.47 1.84
C LEU B 163 -10.72 21.57 0.84
N ASP B 164 -11.62 22.53 1.12
CA ASP B 164 -11.70 23.75 0.33
C ASP B 164 -10.76 24.74 1.02
N PRO B 165 -9.72 25.22 0.31
CA PRO B 165 -8.75 26.14 0.92
C PRO B 165 -9.29 27.44 1.51
N ASP B 166 -10.29 28.05 0.87
CA ASP B 166 -10.81 29.34 1.34
C ASP B 166 -11.86 29.25 2.44
N THR B 167 -12.65 28.17 2.44
CA THR B 167 -13.74 28.04 3.39
C THR B 167 -13.49 27.08 4.54
N ALA B 168 -12.42 26.26 4.46
CA ALA B 168 -12.09 25.26 5.46
C ALA B 168 -13.16 24.17 5.60
N VAL B 169 -14.00 23.97 4.57
CA VAL B 169 -14.98 22.91 4.52
C VAL B 169 -14.24 21.61 4.18
N LEU B 170 -14.50 20.54 4.93
CA LEU B 170 -13.92 19.22 4.73
C LEU B 170 -14.96 18.31 4.17
N LYS B 171 -14.60 17.50 3.17
CA LYS B 171 -15.50 16.52 2.58
C LYS B 171 -14.84 15.15 2.52
N LEU B 172 -15.51 14.14 3.05
CA LEU B 172 -15.03 12.77 3.00
C LEU B 172 -15.26 12.22 1.58
N CYS B 173 -14.25 11.53 1.02
CA CYS B 173 -14.37 10.93 -0.29
C CYS B 173 -13.95 9.44 -0.25
N ASP B 174 -14.03 8.77 -1.42
CA ASP B 174 -13.65 7.39 -1.63
C ASP B 174 -14.41 6.42 -0.78
N PHE B 175 -15.59 6.04 -1.26
CA PHE B 175 -16.39 5.02 -0.59
C PHE B 175 -16.21 3.63 -1.24
N GLY B 176 -15.04 3.41 -1.85
CA GLY B 176 -14.70 2.16 -2.53
C GLY B 176 -14.40 0.99 -1.62
N SER B 177 -14.13 1.26 -0.35
CA SER B 177 -13.91 0.26 0.70
C SER B 177 -15.13 0.18 1.65
N ALA B 178 -16.11 1.09 1.54
CA ALA B 178 -17.24 1.20 2.44
C ALA B 178 -18.19 0.03 2.35
N LYS B 179 -18.90 -0.24 3.42
CA LYS B 179 -19.82 -1.37 3.47
C LYS B 179 -20.85 -1.19 4.57
N GLN B 180 -22.08 -1.59 4.30
CA GLN B 180 -23.15 -1.62 5.30
C GLN B 180 -22.84 -2.85 6.14
N LEU B 181 -22.55 -2.67 7.42
CA LEU B 181 -22.22 -3.80 8.28
C LEU B 181 -23.51 -4.44 8.80
N VAL B 182 -23.67 -5.73 8.60
CA VAL B 182 -24.85 -6.48 9.02
C VAL B 182 -24.44 -7.51 10.05
N ARG B 183 -25.06 -7.48 11.22
CA ARG B 183 -24.78 -8.42 12.31
C ARG B 183 -24.95 -9.87 11.86
N GLY B 184 -23.95 -10.68 12.12
CA GLY B 184 -23.95 -12.08 11.72
C GLY B 184 -23.28 -12.37 10.39
N GLU B 185 -22.91 -11.32 9.64
CA GLU B 185 -22.25 -11.48 8.34
C GLU B 185 -20.80 -11.03 8.48
N PRO B 186 -19.84 -11.95 8.31
CA PRO B 186 -18.44 -11.58 8.48
C PRO B 186 -17.91 -10.55 7.49
N ASN B 187 -16.89 -9.82 7.90
CA ASN B 187 -16.26 -8.79 7.05
C ASN B 187 -14.74 -9.02 6.99
N VAL B 188 -14.11 -8.61 5.89
CA VAL B 188 -12.67 -8.75 5.67
C VAL B 188 -11.86 -7.98 6.73
N SER B 189 -10.81 -8.60 7.29
CA SER B 189 -9.99 -7.92 8.30
C SER B 189 -8.81 -7.11 7.72
N ILE B 191 -8.12 -4.57 5.83
CA ILE B 191 -8.85 -3.44 5.29
C ILE B 191 -8.32 -2.16 5.97
N CYS B 192 -8.61 -0.99 5.38
CA CYS B 192 -8.14 0.31 5.89
CA CYS B 192 -8.16 0.31 5.83
C CYS B 192 -6.69 0.50 5.51
N SER B 193 -6.26 1.75 5.36
CA SER B 193 -4.87 2.07 5.09
C SER B 193 -4.10 1.73 6.39
N ARG B 194 -2.99 0.99 6.26
CA ARG B 194 -2.20 0.43 7.36
C ARG B 194 -1.98 1.33 8.61
N TYR B 195 -1.43 2.56 8.46
CA TYR B 195 -1.17 3.43 9.61
C TYR B 195 -2.44 3.76 10.41
N TYR B 196 -3.60 3.74 9.75
CA TYR B 196 -4.91 4.11 10.34
C TYR B 196 -5.78 2.89 10.71
N ARG B 197 -5.25 1.68 10.54
CA ARG B 197 -5.91 0.40 10.78
C ARG B 197 -6.09 0.05 12.28
N ALA B 198 -7.35 -0.20 12.69
CA ALA B 198 -7.72 -0.53 14.07
C ALA B 198 -7.08 -1.87 14.49
N PRO B 199 -6.69 -1.97 15.77
CA PRO B 199 -5.98 -3.18 16.21
C PRO B 199 -6.81 -4.45 16.11
N GLU B 200 -8.15 -4.39 16.21
CA GLU B 200 -8.98 -5.59 16.06
C GLU B 200 -8.85 -6.18 14.65
N LEU B 201 -8.65 -5.32 13.62
CA LEU B 201 -8.44 -5.76 12.24
C LEU B 201 -7.13 -6.53 12.10
N ILE B 202 -6.07 -6.07 12.78
CA ILE B 202 -4.75 -6.72 12.78
C ILE B 202 -4.84 -8.09 13.52
N PHE B 203 -5.68 -8.18 14.56
CA PHE B 203 -5.92 -9.46 15.24
C PHE B 203 -6.82 -10.41 14.41
N GLY B 204 -7.27 -9.99 13.23
CA GLY B 204 -8.05 -10.83 12.33
C GLY B 204 -9.54 -10.85 12.59
N ALA B 205 -10.07 -9.86 13.33
CA ALA B 205 -11.49 -9.83 13.60
C ALA B 205 -12.32 -9.66 12.34
N THR B 206 -13.40 -10.44 12.24
CA THR B 206 -14.34 -10.38 11.14
C THR B 206 -15.72 -9.85 11.60
N ASP B 207 -15.96 -9.69 12.92
CA ASP B 207 -17.24 -9.18 13.42
C ASP B 207 -17.12 -7.76 13.96
N TYR B 208 -16.23 -6.96 13.37
CA TYR B 208 -16.01 -5.60 13.83
C TYR B 208 -17.14 -4.64 13.50
N THR B 209 -17.17 -3.49 14.18
CA THR B 209 -18.20 -2.47 14.06
C THR B 209 -17.62 -1.17 13.39
N SER B 210 -18.48 -0.14 13.25
CA SER B 210 -18.17 1.19 12.77
C SER B 210 -17.09 1.89 13.60
N SER B 211 -16.81 1.39 14.82
CA SER B 211 -15.79 1.97 15.68
C SER B 211 -14.37 1.82 15.10
N ILE B 212 -14.18 1.02 14.01
CA ILE B 212 -12.87 0.97 13.35
C ILE B 212 -12.57 2.34 12.68
N ASP B 213 -13.62 3.08 12.23
CA ASP B 213 -13.48 4.41 11.64
C ASP B 213 -13.11 5.47 12.68
N VAL B 214 -13.56 5.27 13.92
CA VAL B 214 -13.25 6.14 15.03
C VAL B 214 -11.79 5.95 15.45
N TRP B 215 -11.25 4.70 15.35
CA TRP B 215 -9.83 4.47 15.60
C TRP B 215 -9.03 5.26 14.53
N SER B 216 -9.42 5.13 13.25
CA SER B 216 -8.79 5.79 12.12
C SER B 216 -8.80 7.32 12.30
N ALA B 217 -9.95 7.90 12.72
CA ALA B 217 -10.08 9.34 13.03
C ALA B 217 -9.12 9.78 14.17
N GLY B 218 -8.97 8.95 15.21
CA GLY B 218 -8.01 9.21 16.27
C GLY B 218 -6.58 9.21 15.76
N CYS B 219 -6.24 8.33 14.78
CA CYS B 219 -4.90 8.31 14.14
C CYS B 219 -4.65 9.61 13.34
N VAL B 220 -5.70 10.11 12.66
CA VAL B 220 -5.58 11.34 11.88
C VAL B 220 -5.38 12.52 12.85
N LEU B 221 -6.16 12.57 13.94
CA LEU B 221 -6.01 13.63 14.94
C LEU B 221 -4.57 13.63 15.52
N ALA B 222 -4.08 12.47 15.98
CA ALA B 222 -2.74 12.38 16.54
C ALA B 222 -1.66 12.81 15.57
N GLU B 223 -1.82 12.45 14.26
CA GLU B 223 -0.89 12.81 13.21
C GLU B 223 -0.86 14.33 13.02
N LEU B 224 -2.02 14.99 13.09
CA LEU B 224 -2.12 16.44 12.96
C LEU B 224 -1.43 17.17 14.11
N LEU B 225 -1.43 16.58 15.31
CA LEU B 225 -0.79 17.17 16.48
C LEU B 225 0.71 16.90 16.50
N LEU B 226 1.13 15.72 16.07
CA LEU B 226 2.52 15.29 16.06
C LEU B 226 3.36 15.79 14.89
N GLY B 227 2.75 15.92 13.73
CA GLY B 227 3.48 16.30 12.53
C GLY B 227 3.96 15.08 11.73
N GLN B 228 3.48 13.88 12.08
CA GLN B 228 3.85 12.63 11.44
C GLN B 228 2.91 11.52 11.94
N PRO B 229 2.76 10.40 11.20
CA PRO B 229 1.89 9.31 11.70
C PRO B 229 2.26 8.83 13.10
N ILE B 230 1.27 8.64 13.98
CA ILE B 230 1.55 8.15 15.32
C ILE B 230 1.97 6.65 15.30
N PHE B 231 1.44 5.85 14.35
CA PHE B 231 1.79 4.42 14.28
C PHE B 231 2.31 4.02 12.89
N PRO B 232 3.60 4.29 12.57
CA PRO B 232 4.11 3.99 11.22
C PRO B 232 4.60 2.55 10.97
N GLY B 233 3.70 1.59 10.95
CA GLY B 233 4.06 0.18 10.72
C GLY B 233 4.64 -0.10 9.36
N ASP B 234 5.63 -1.03 9.27
CA ASP B 234 6.22 -1.34 7.97
C ASP B 234 5.62 -2.60 7.31
N SER B 235 4.56 -3.17 7.92
CA SER B 235 3.80 -4.30 7.42
C SER B 235 2.49 -4.35 8.22
N GLY B 236 1.52 -5.15 7.78
CA GLY B 236 0.27 -5.32 8.51
C GLY B 236 0.46 -5.81 9.94
N VAL B 237 1.48 -6.63 10.19
CA VAL B 237 1.79 -7.17 11.53
C VAL B 237 2.63 -6.19 12.38
N ASP B 238 3.65 -5.55 11.78
CA ASP B 238 4.45 -4.55 12.47
C ASP B 238 3.58 -3.32 12.88
N GLN B 239 2.42 -3.13 12.23
CA GLN B 239 1.49 -2.08 12.59
C GLN B 239 1.06 -2.23 14.07
N LEU B 240 0.81 -3.48 14.51
CA LEU B 240 0.45 -3.76 15.89
C LEU B 240 1.63 -3.49 16.85
N VAL B 241 2.87 -3.77 16.43
CA VAL B 241 4.05 -3.46 17.24
C VAL B 241 4.16 -1.94 17.44
N GLU B 242 3.90 -1.15 16.37
CA GLU B 242 3.94 0.30 16.50
C GLU B 242 2.89 0.83 17.46
N ILE B 243 1.68 0.23 17.43
CA ILE B 243 0.59 0.61 18.33
C ILE B 243 0.99 0.31 19.77
N ILE B 244 1.50 -0.92 20.00
CA ILE B 244 1.93 -1.41 21.31
C ILE B 244 3.02 -0.51 21.91
N LYS B 245 3.96 -0.02 21.08
CA LYS B 245 4.99 0.90 21.57
C LYS B 245 4.41 2.15 22.24
N VAL B 246 3.19 2.56 21.88
CA VAL B 246 2.54 3.70 22.48
C VAL B 246 1.53 3.32 23.55
N LEU B 247 0.55 2.48 23.23
CA LEU B 247 -0.51 2.13 24.19
C LEU B 247 -0.15 1.03 25.19
N GLY B 248 1.01 0.41 25.03
CA GLY B 248 1.41 -0.72 25.85
C GLY B 248 0.73 -2.00 25.36
N THR B 249 1.20 -3.16 25.85
CA THR B 249 0.60 -4.43 25.48
C THR B 249 -0.87 -4.47 25.96
N PRO B 250 -1.81 -4.86 25.08
CA PRO B 250 -3.20 -4.93 25.52
C PRO B 250 -3.38 -6.07 26.53
N THR B 251 -4.24 -5.85 27.54
CA THR B 251 -4.52 -6.89 28.53
C THR B 251 -5.31 -8.04 27.87
N ARG B 252 -5.34 -9.22 28.52
CA ARG B 252 -6.08 -10.37 27.98
C ARG B 252 -7.55 -10.05 27.70
N GLU B 253 -8.17 -9.19 28.55
CA GLU B 253 -9.56 -8.78 28.37
C GLU B 253 -9.71 -7.85 27.17
N GLN B 254 -8.74 -6.96 26.95
CA GLN B 254 -8.75 -6.06 25.79
C GLN B 254 -8.64 -6.90 24.51
N ILE B 255 -7.74 -7.89 24.50
CA ILE B 255 -7.57 -8.82 23.38
C ILE B 255 -8.87 -9.54 23.06
N ARG B 256 -9.56 -10.07 24.10
CA ARG B 256 -10.86 -10.74 23.96
C ARG B 256 -11.90 -9.84 23.28
N GLU B 257 -11.99 -8.57 23.68
CA GLU B 257 -12.93 -7.62 23.10
C GLU B 257 -12.63 -7.30 21.63
N MET B 258 -11.36 -7.38 21.24
CA MET B 258 -10.97 -7.11 19.86
C MET B 258 -11.30 -8.30 18.97
N ASN B 259 -10.93 -9.52 19.42
CA ASN B 259 -11.17 -10.78 18.72
C ASN B 259 -11.22 -11.87 19.76
N PRO B 268 6.03 -9.95 23.47
CA PRO B 268 6.71 -8.64 23.48
C PRO B 268 5.99 -7.68 24.43
N GLN B 269 6.15 -7.91 25.75
CA GLN B 269 5.47 -7.08 26.75
C GLN B 269 6.13 -5.72 26.96
N ILE B 270 5.35 -4.63 26.77
CA ILE B 270 5.88 -3.28 26.99
C ILE B 270 4.88 -2.41 27.78
N LYS B 271 5.38 -1.45 28.57
CA LYS B 271 4.53 -0.58 29.37
C LYS B 271 4.09 0.62 28.53
N ALA B 272 2.81 1.02 28.65
CA ALA B 272 2.24 2.15 27.92
C ALA B 272 3.03 3.42 28.12
N HIS B 273 3.19 4.20 27.05
CA HIS B 273 3.85 5.49 27.14
C HIS B 273 2.79 6.49 27.61
N PRO B 274 3.12 7.34 28.60
CA PRO B 274 2.11 8.31 29.10
C PRO B 274 1.67 9.25 27.99
N TRP B 275 0.35 9.44 27.81
CA TRP B 275 -0.22 10.28 26.76
C TRP B 275 0.38 11.68 26.66
N THR B 276 0.64 12.33 27.80
CA THR B 276 1.24 13.66 27.82
C THR B 276 2.66 13.66 27.25
N LYS B 277 3.38 12.54 27.37
CA LYS B 277 4.75 12.45 26.82
C LYS B 277 4.79 12.01 25.34
N VAL B 278 3.66 11.62 24.76
CA VAL B 278 3.57 11.23 23.35
C VAL B 278 3.61 12.51 22.48
N PHE B 279 2.85 13.53 22.89
CA PHE B 279 2.72 14.79 22.17
C PHE B 279 3.74 15.87 22.59
N ARG B 280 3.89 16.94 21.81
CA ARG B 280 4.82 18.03 22.11
C ARG B 280 4.39 18.82 23.35
N PRO B 281 5.32 19.49 24.05
CA PRO B 281 4.96 20.16 25.31
C PRO B 281 3.78 21.11 25.29
N ARG B 282 3.61 21.89 24.22
CA ARG B 282 2.52 22.86 24.15
C ARG B 282 1.21 22.32 23.58
N THR B 283 1.10 20.99 23.38
CA THR B 283 -0.14 20.37 22.85
C THR B 283 -1.30 20.58 23.81
N PRO B 284 -2.44 21.12 23.32
CA PRO B 284 -3.59 21.34 24.22
C PRO B 284 -4.03 20.08 24.95
N PRO B 285 -4.21 20.15 26.28
CA PRO B 285 -4.60 18.94 27.03
C PRO B 285 -5.94 18.34 26.58
N GLU B 286 -6.85 19.18 26.08
CA GLU B 286 -8.16 18.72 25.58
C GLU B 286 -8.02 17.87 24.30
N ALA B 287 -6.98 18.14 23.49
CA ALA B 287 -6.69 17.38 22.28
C ALA B 287 -6.14 16.01 22.66
N ILE B 288 -5.29 15.96 23.71
CA ILE B 288 -4.72 14.72 24.23
C ILE B 288 -5.81 13.87 24.85
N ALA B 289 -6.73 14.50 25.61
CA ALA B 289 -7.84 13.79 26.24
C ALA B 289 -8.76 13.19 25.20
N LEU B 290 -9.08 13.94 24.12
CA LEU B 290 -9.94 13.40 23.06
C LEU B 290 -9.20 12.23 22.37
N CYS B 291 -7.93 12.41 22.05
CA CYS B 291 -7.13 11.36 21.43
C CYS B 291 -7.10 10.05 22.25
N SER B 292 -6.97 10.17 23.59
CA SER B 292 -6.95 9.01 24.48
C SER B 292 -8.29 8.27 24.53
N ARG B 293 -9.41 8.96 24.26
CA ARG B 293 -10.74 8.35 24.22
C ARG B 293 -11.11 7.77 22.85
N LEU B 294 -10.24 7.93 21.83
CA LEU B 294 -10.46 7.41 20.47
C LEU B 294 -9.51 6.23 20.24
N LEU B 295 -8.25 6.37 20.70
CA LEU B 295 -7.27 5.31 20.55
C LEU B 295 -7.29 4.35 21.75
N GLU B 296 -8.40 3.62 21.89
CA GLU B 296 -8.62 2.60 22.92
C GLU B 296 -8.57 1.22 22.25
N TYR B 297 -7.95 0.22 22.89
CA TYR B 297 -7.94 -1.14 22.32
C TYR B 297 -9.36 -1.70 22.26
N THR B 298 -10.15 -1.49 23.33
CA THR B 298 -11.52 -1.99 23.38
C THR B 298 -12.40 -1.18 22.47
N PRO B 299 -12.91 -1.79 21.40
CA PRO B 299 -13.74 -1.02 20.46
C PRO B 299 -14.90 -0.25 21.09
N THR B 300 -15.62 -0.84 22.07
CA THR B 300 -16.76 -0.16 22.70
C THR B 300 -16.34 0.95 23.66
N ALA B 301 -15.07 1.01 24.09
CA ALA B 301 -14.60 2.09 24.97
C ALA B 301 -14.36 3.41 24.21
N ARG B 302 -14.26 3.35 22.88
CA ARG B 302 -14.01 4.51 22.04
C ARG B 302 -15.24 5.37 21.92
N LEU B 303 -15.06 6.70 21.86
CA LEU B 303 -16.20 7.60 21.67
C LEU B 303 -16.91 7.31 20.36
N THR B 304 -18.21 7.53 20.30
CA THR B 304 -18.92 7.47 19.03
C THR B 304 -18.60 8.82 18.35
N PRO B 305 -18.83 8.94 17.03
CA PRO B 305 -18.58 10.22 16.37
C PRO B 305 -19.37 11.41 16.92
N LEU B 306 -20.65 11.22 17.29
CA LEU B 306 -21.47 12.29 17.86
C LEU B 306 -20.88 12.73 19.19
N GLU B 307 -20.47 11.78 20.05
CA GLU B 307 -19.84 12.08 21.33
C GLU B 307 -18.55 12.81 21.15
N ALA B 308 -17.76 12.45 20.12
CA ALA B 308 -16.49 13.12 19.82
C ALA B 308 -16.78 14.56 19.41
N CYS B 309 -17.83 14.80 18.60
CA CYS B 309 -18.28 16.15 18.23
C CYS B 309 -18.60 16.99 19.46
N ALA B 310 -19.18 16.37 20.51
CA ALA B 310 -19.56 17.07 21.75
C ALA B 310 -18.42 17.28 22.74
N HIS B 311 -17.21 16.78 22.43
CA HIS B 311 -16.05 16.90 23.31
C HIS B 311 -15.64 18.35 23.49
N SER B 312 -15.06 18.68 24.67
CA SER B 312 -14.59 20.03 25.01
C SER B 312 -13.45 20.55 24.11
N PHE B 313 -12.79 19.67 23.34
CA PHE B 313 -11.77 20.11 22.38
C PHE B 313 -12.43 20.99 21.29
N PHE B 314 -13.71 20.76 20.96
CA PHE B 314 -14.40 21.55 19.95
C PHE B 314 -15.22 22.71 20.55
N ASP B 315 -14.97 23.10 21.81
CA ASP B 315 -15.73 24.19 22.45
C ASP B 315 -15.58 25.49 21.71
N GLU B 316 -14.33 25.83 21.28
CA GLU B 316 -14.07 27.06 20.52
C GLU B 316 -14.95 27.19 19.28
N LEU B 317 -15.28 26.06 18.61
CA LEU B 317 -16.14 26.07 17.42
C LEU B 317 -17.58 26.48 17.75
N ARG B 318 -18.04 26.28 18.99
CA ARG B 318 -19.38 26.68 19.40
C ARG B 318 -19.45 28.10 19.97
N ASP B 319 -18.35 28.85 19.95
CA ASP B 319 -18.30 30.23 20.44
C ASP B 319 -18.92 31.09 19.35
N PRO B 320 -19.87 32.01 19.68
CA PRO B 320 -20.50 32.83 18.62
C PRO B 320 -19.54 33.78 17.89
N ASN B 321 -18.38 34.05 18.48
CA ASN B 321 -17.40 34.96 17.89
C ASN B 321 -16.28 34.27 17.13
N VAL B 322 -16.35 32.93 16.95
CA VAL B 322 -15.32 32.17 16.25
C VAL B 322 -15.22 32.57 14.77
N LYS B 323 -14.00 32.71 14.28
CA LYS B 323 -13.77 33.05 12.88
C LYS B 323 -12.60 32.21 12.32
N LEU B 324 -12.53 32.06 11.00
CA LEU B 324 -11.39 31.41 10.35
C LEU B 324 -10.20 32.39 10.42
N PRO B 325 -8.95 31.89 10.40
CA PRO B 325 -7.79 32.79 10.42
C PRO B 325 -7.76 33.85 9.31
N ASN B 326 -8.49 33.64 8.20
CA ASN B 326 -8.55 34.65 7.14
C ASN B 326 -9.67 35.70 7.34
N GLY B 327 -10.29 35.73 8.51
CA GLY B 327 -11.35 36.68 8.83
C GLY B 327 -12.76 36.26 8.46
N ARG B 328 -12.92 35.25 7.59
CA ARG B 328 -14.24 34.80 7.16
C ARG B 328 -14.94 33.98 8.27
N ASP B 329 -16.25 33.77 8.12
CA ASP B 329 -17.01 32.93 9.03
C ASP B 329 -16.64 31.46 8.83
N THR B 330 -16.75 30.66 9.88
CA THR B 330 -16.52 29.23 9.80
C THR B 330 -17.67 28.60 8.98
N PRO B 331 -17.50 27.39 8.41
CA PRO B 331 -18.64 26.75 7.70
C PRO B 331 -19.82 26.45 8.63
N ALA B 332 -20.96 25.99 8.08
CA ALA B 332 -22.12 25.63 8.89
C ALA B 332 -21.83 24.37 9.71
N LEU B 333 -21.58 24.52 11.00
CA LEU B 333 -21.21 23.40 11.89
C LEU B 333 -22.34 22.87 12.78
N PHE B 334 -23.49 23.54 12.79
CA PHE B 334 -24.60 23.21 13.70
C PHE B 334 -25.89 22.82 13.03
N ASN B 335 -25.93 22.72 11.70
CA ASN B 335 -27.16 22.33 11.01
C ASN B 335 -27.41 20.80 11.04
N PHE B 336 -27.39 20.20 12.23
CA PHE B 336 -27.61 18.75 12.38
C PHE B 336 -29.02 18.32 12.04
N THR B 337 -29.17 17.29 11.21
CA THR B 337 -30.49 16.74 10.92
C THR B 337 -30.87 15.74 12.04
N THR B 338 -32.13 15.25 12.04
CA THR B 338 -32.57 14.25 13.01
C THR B 338 -31.78 12.95 12.82
N GLN B 339 -31.51 12.58 11.56
CA GLN B 339 -30.72 11.40 11.21
C GLN B 339 -29.28 11.45 11.80
N GLU B 340 -28.62 12.64 11.75
CA GLU B 340 -27.26 12.80 12.29
C GLU B 340 -27.25 12.64 13.81
N LEU B 341 -28.30 13.15 14.48
CA LEU B 341 -28.36 13.06 15.94
C LEU B 341 -28.97 11.77 16.48
N SER B 342 -29.52 10.91 15.62
CA SER B 342 -30.26 9.71 16.00
C SER B 342 -29.57 8.77 17.00
N SER B 343 -28.22 8.68 17.02
CA SER B 343 -27.53 7.81 17.97
C SER B 343 -27.64 8.29 19.43
N ASN B 344 -27.84 9.59 19.64
CA ASN B 344 -27.98 10.16 20.98
C ASN B 344 -28.63 11.54 20.85
N PRO B 345 -29.96 11.59 20.61
CA PRO B 345 -30.62 12.90 20.44
C PRO B 345 -30.38 13.93 21.55
N PRO B 346 -30.35 13.60 22.87
CA PRO B 346 -30.08 14.65 23.88
C PRO B 346 -28.75 15.40 23.74
N LEU B 347 -27.80 14.91 22.91
CA LEU B 347 -26.53 15.60 22.70
C LEU B 347 -26.68 16.93 21.93
N ALA B 348 -27.85 17.17 21.30
CA ALA B 348 -28.18 18.40 20.57
C ALA B 348 -28.09 19.67 21.44
N THR B 349 -28.26 19.52 22.76
CA THR B 349 -28.16 20.66 23.68
C THR B 349 -26.71 21.15 23.79
N ILE B 350 -25.72 20.26 23.58
CA ILE B 350 -24.32 20.65 23.56
C ILE B 350 -23.92 20.98 22.11
N LEU B 351 -24.33 20.14 21.16
CA LEU B 351 -24.00 20.26 19.75
C LEU B 351 -24.54 21.52 19.06
N ILE B 352 -25.78 21.91 19.35
CA ILE B 352 -26.35 23.11 18.76
C ILE B 352 -26.41 24.21 19.82
N PRO B 353 -25.42 25.12 19.83
CA PRO B 353 -25.42 26.19 20.83
C PRO B 353 -26.61 27.14 20.65
N PRO B 354 -27.10 27.74 21.75
CA PRO B 354 -28.30 28.59 21.66
C PRO B 354 -28.27 29.67 20.58
N HIS B 355 -27.10 30.25 20.27
CA HIS B 355 -26.98 31.26 19.22
C HIS B 355 -27.24 30.73 17.80
N ALA B 356 -27.39 29.39 17.63
CA ALA B 356 -27.63 28.78 16.33
C ALA B 356 -28.99 28.06 16.23
#